data_6LF4
#
_entry.id   6LF4
#
_cell.length_a   73.108
_cell.length_b   96.777
_cell.length_c   131.716
_cell.angle_alpha   90.000
_cell.angle_beta   90.000
_cell.angle_gamma   90.000
#
_symmetry.space_group_name_H-M   'P 21 21 21'
#
loop_
_entity.id
_entity.type
_entity.pdbx_description
1 polymer 'VMB-1 metallo-beta-lactamase'
2 non-polymer 'ZINC ION'
3 non-polymer '(2~{S},3~{R},4~{S})-2-[(2~{S},3~{R})-1,3-bis(oxidanyl)-1-oxidanylidene-butan-2-yl]-4-[(3~{S},5~{S})-5-(dimethylcarbamoy l)pyrrolidin-3-yl]sulfanyl-3-methyl-3,4-dihydro-2~{H}-pyrrole-5-carboxylic acid'
4 water water
#
_entity_poly.entity_id   1
_entity_poly.type   'polypeptide(L)'
_entity_poly.pdbx_seq_one_letter_code
;GSHMNNEGTKELKLKKLSDNVYQHISYKRVEPWGLIGASGLVVINGTEAHMIDTPWTTQGTKQLIEWIEAKGLTIKSAVV
THFHEDASGDIPLLNDLKIKTYATSLTNKLLKLNQKEVSSDEISSNTFEFIDGVASVFYPGAGHTEDNIVVWLPNEKILF
GGCFVKSLKNKNLGYTGDANISEWPNSMQKVINRYPDAKLVVPGHGEVGDVSLLKHTQALALSAAASNKKINKD
;
_entity_poly.pdbx_strand_id   A,B,C,D
#
loop_
_chem_comp.id
_chem_comp.type
_chem_comp.name
_chem_comp.formula
LMP non-polymer '(2~{S},3~{R},4~{S})-2-[(2~{S},3~{R})-1,3-bis(oxidanyl)-1-oxidanylidene-butan-2-yl]-4-[(3~{S},5~{S})-5-(dimethylcarbamoy l)pyrrolidin-3-yl]sulfanyl-3-methyl-3,4-dihydro-2~{H}-pyrrole-5-carboxylic acid' 'C17 H27 N3 O6 S'
ZN non-polymer 'ZINC ION' 'Zn 2'
#
# COMPACT_ATOMS: atom_id res chain seq x y z
N GLY A 8 -18.78 25.43 -5.19
CA GLY A 8 -18.86 25.43 -6.69
C GLY A 8 -20.25 25.79 -7.19
N THR A 9 -20.55 25.48 -8.46
CA THR A 9 -21.86 25.72 -9.13
C THR A 9 -22.69 24.43 -9.15
N LYS A 10 -23.93 24.50 -9.64
CA LYS A 10 -24.88 23.35 -9.69
C LYS A 10 -24.47 22.36 -10.77
N GLU A 11 -23.59 22.77 -11.71
CA GLU A 11 -22.97 21.93 -12.76
C GLU A 11 -21.67 21.28 -12.31
N LEU A 12 -20.80 21.96 -11.56
CA LEU A 12 -19.38 21.54 -11.35
C LEU A 12 -18.88 21.93 -9.96
N LYS A 13 -18.40 20.92 -9.22
CA LYS A 13 -17.69 21.06 -7.92
C LYS A 13 -16.31 20.44 -8.11
N LEU A 14 -15.29 21.00 -7.48
CA LEU A 14 -13.91 20.43 -7.47
C LEU A 14 -13.50 20.23 -6.01
N LYS A 15 -12.98 19.04 -5.71
CA LYS A 15 -12.49 18.61 -4.37
C LYS A 15 -11.03 18.16 -4.50
N LYS A 16 -10.14 18.74 -3.69
CA LYS A 16 -8.69 18.39 -3.63
C LYS A 16 -8.53 17.01 -2.99
N LEU A 17 -7.82 16.10 -3.67
CA LEU A 17 -7.53 14.75 -3.13
C LEU A 17 -6.08 14.71 -2.63
N SER A 18 -5.18 15.39 -3.32
CA SER A 18 -3.81 15.65 -2.82
C SER A 18 -3.23 16.85 -3.57
N ASP A 19 -1.94 17.12 -3.41
CA ASP A 19 -1.30 18.35 -3.95
C ASP A 19 -1.57 18.48 -5.46
N ASN A 20 -1.46 17.38 -6.20
CA ASN A 20 -1.47 17.39 -7.69
C ASN A 20 -2.79 16.82 -8.24
N VAL A 21 -3.73 16.43 -7.38
CA VAL A 21 -4.92 15.63 -7.82
C VAL A 21 -6.22 16.23 -7.28
N TYR A 22 -7.11 16.58 -8.20
CA TYR A 22 -8.48 17.07 -7.93
C TYR A 22 -9.49 16.06 -8.46
N GLN A 23 -10.56 15.86 -7.71
CA GLN A 23 -11.79 15.17 -8.13
C GLN A 23 -12.71 16.24 -8.72
N HIS A 24 -13.13 16.07 -9.97
CA HIS A 24 -14.19 16.91 -10.57
C HIS A 24 -15.50 16.14 -10.44
N ILE A 25 -16.52 16.82 -9.92
CA ILE A 25 -17.88 16.26 -9.67
C ILE A 25 -18.83 17.09 -10.52
N SER A 26 -19.40 16.50 -11.54
CA SER A 26 -20.33 17.21 -12.45
C SER A 26 -21.74 16.64 -12.24
N TYR A 27 -22.73 17.50 -12.36
CA TYR A 27 -24.11 17.21 -11.90
C TYR A 27 -25.00 17.10 -13.13
N LYS A 28 -25.99 16.22 -13.04
CA LYS A 28 -27.07 16.05 -14.03
C LYS A 28 -28.34 15.68 -13.26
N ARG A 29 -29.46 16.30 -13.65
CA ARG A 29 -30.81 15.94 -13.14
C ARG A 29 -31.12 14.51 -13.59
N VAL A 30 -31.24 13.57 -12.65
CA VAL A 30 -31.73 12.21 -12.96
C VAL A 30 -32.85 11.91 -11.96
N GLU A 31 -34.09 12.11 -12.41
CA GLU A 31 -35.31 11.77 -11.63
C GLU A 31 -35.13 10.33 -11.16
N PRO A 32 -35.53 9.95 -9.91
CA PRO A 32 -36.16 10.86 -8.95
C PRO A 32 -35.20 11.44 -7.90
N TRP A 33 -33.90 11.47 -8.21
CA TRP A 33 -32.80 11.74 -7.25
C TRP A 33 -32.51 13.24 -7.20
N GLY A 34 -33.01 14.01 -8.16
CA GLY A 34 -32.56 15.39 -8.44
C GLY A 34 -31.13 15.39 -8.98
N LEU A 35 -30.37 16.45 -8.70
CA LEU A 35 -28.96 16.60 -9.15
C LEU A 35 -28.12 15.52 -8.48
N ILE A 36 -27.39 14.74 -9.27
CA ILE A 36 -26.48 13.69 -8.76
C ILE A 36 -25.17 13.77 -9.57
N GLY A 37 -24.07 13.44 -8.89
CA GLY A 37 -22.71 13.70 -9.39
C GLY A 37 -22.18 12.53 -10.18
N ALA A 38 -21.35 12.84 -11.18
CA ALA A 38 -20.37 11.94 -11.81
C ALA A 38 -18.98 12.47 -11.43
N SER A 39 -18.09 11.57 -11.02
CA SER A 39 -16.68 11.87 -10.64
C SER A 39 -15.70 11.51 -11.76
N GLY A 40 -14.81 12.44 -12.06
CA GLY A 40 -13.55 12.21 -12.78
C GLY A 40 -12.42 12.87 -12.02
N LEU A 41 -11.21 12.85 -12.57
CA LEU A 41 -10.04 13.49 -11.91
C LEU A 41 -9.43 14.55 -12.84
N VAL A 42 -8.73 15.51 -12.24
CA VAL A 42 -7.74 16.36 -12.92
C VAL A 42 -6.40 16.00 -12.28
N VAL A 43 -5.41 15.70 -13.11
CA VAL A 43 -4.04 15.39 -12.61
C VAL A 43 -3.14 16.51 -13.14
N ILE A 44 -2.44 17.18 -12.23
CA ILE A 44 -1.54 18.31 -12.58
C ILE A 44 -0.10 17.80 -12.50
N ASN A 45 0.61 17.87 -13.62
CA ASN A 45 2.04 17.50 -13.76
C ASN A 45 2.77 18.77 -14.23
N GLY A 46 3.30 19.56 -13.29
CA GLY A 46 3.97 20.85 -13.58
C GLY A 46 3.00 21.85 -14.19
N THR A 47 3.28 22.34 -15.41
CA THR A 47 2.44 23.32 -16.14
C THR A 47 1.35 22.62 -16.95
N GLU A 48 1.24 21.29 -16.85
CA GLU A 48 0.39 20.44 -17.72
C GLU A 48 -0.76 19.89 -16.85
N ALA A 49 -1.98 19.89 -17.36
CA ALA A 49 -3.14 19.27 -16.67
C ALA A 49 -3.69 18.15 -17.55
N HIS A 50 -4.28 17.14 -16.92
CA HIS A 50 -4.83 15.95 -17.62
C HIS A 50 -6.17 15.63 -17.00
N MET A 51 -7.15 15.35 -17.87
CA MET A 51 -8.53 14.97 -17.45
C MET A 51 -8.66 13.46 -17.47
N ILE A 52 -9.13 12.87 -16.38
CA ILE A 52 -9.59 11.43 -16.34
C ILE A 52 -11.12 11.49 -16.34
N ASP A 53 -11.74 11.13 -17.45
CA ASP A 53 -13.20 11.28 -17.75
C ASP A 53 -13.53 12.76 -17.98
N THR A 54 -14.43 13.07 -18.92
CA THR A 54 -14.99 14.42 -19.08
C THR A 54 -16.20 14.56 -18.17
N PRO A 55 -16.51 15.77 -17.68
CA PRO A 55 -17.78 16.02 -17.00
C PRO A 55 -18.99 15.58 -17.84
N TRP A 56 -20.09 15.41 -17.12
CA TRP A 56 -21.35 14.77 -17.57
C TRP A 56 -22.11 15.68 -18.54
N THR A 57 -21.94 17.00 -18.43
CA THR A 57 -22.61 18.01 -19.28
C THR A 57 -21.53 18.82 -20.00
N THR A 58 -21.83 19.30 -21.21
CA THR A 58 -20.96 20.24 -21.97
C THR A 58 -20.63 21.47 -21.12
N GLN A 59 -21.57 21.94 -20.29
CA GLN A 59 -21.38 23.15 -19.43
C GLN A 59 -20.36 22.86 -18.32
N GLY A 60 -20.53 21.74 -17.61
CA GLY A 60 -19.51 21.19 -16.69
C GLY A 60 -18.13 21.19 -17.33
N THR A 61 -18.01 20.71 -18.57
CA THR A 61 -16.72 20.56 -19.27
C THR A 61 -16.12 21.96 -19.52
N LYS A 62 -16.91 22.92 -20.00
CA LYS A 62 -16.40 24.30 -20.27
C LYS A 62 -15.96 24.97 -18.98
N GLN A 63 -16.74 24.84 -17.90
CA GLN A 63 -16.36 25.32 -16.55
C GLN A 63 -15.07 24.62 -16.06
N LEU A 64 -14.87 23.34 -16.40
CA LEU A 64 -13.66 22.62 -15.95
C LEU A 64 -12.45 23.19 -16.68
N ILE A 65 -12.58 23.38 -18.00
CA ILE A 65 -11.49 23.89 -18.87
C ILE A 65 -11.09 25.28 -18.35
N GLU A 66 -12.08 26.13 -18.04
CA GLU A 66 -11.85 27.49 -17.50
C GLU A 66 -11.11 27.40 -16.16
N TRP A 67 -11.59 26.57 -15.22
CA TRP A 67 -10.96 26.43 -13.88
C TRP A 67 -9.50 25.95 -13.99
N ILE A 68 -9.21 25.05 -14.95
CA ILE A 68 -7.83 24.53 -15.18
C ILE A 68 -7.00 25.66 -15.81
N GLU A 69 -7.52 26.30 -16.84
CA GLU A 69 -6.76 27.31 -17.62
C GLU A 69 -6.57 28.57 -16.78
N ALA A 70 -7.49 28.85 -15.83
CA ALA A 70 -7.42 29.97 -14.86
C ALA A 70 -6.30 29.72 -13.84
N LYS A 71 -5.75 28.51 -13.74
CA LYS A 71 -4.55 28.25 -12.92
C LYS A 71 -3.31 28.42 -13.80
N GLY A 72 -3.47 28.75 -15.08
CA GLY A 72 -2.35 28.93 -16.02
C GLY A 72 -1.80 27.61 -16.54
N LEU A 73 -2.56 26.52 -16.33
CA LEU A 73 -2.19 25.15 -16.79
C LEU A 73 -2.69 24.94 -18.23
N THR A 74 -1.90 24.24 -19.05
CA THR A 74 -2.30 23.75 -20.37
C THR A 74 -2.97 22.38 -20.14
N ILE A 75 -4.18 22.19 -20.66
CA ILE A 75 -4.84 20.85 -20.74
C ILE A 75 -4.18 20.08 -21.88
N LYS A 76 -3.27 19.16 -21.56
CA LYS A 76 -2.49 18.35 -22.54
C LYS A 76 -3.38 17.25 -23.13
N SER A 77 -4.14 16.54 -22.29
CA SER A 77 -4.80 15.28 -22.67
C SER A 77 -5.94 14.95 -21.71
N ALA A 78 -6.84 14.11 -22.21
CA ALA A 78 -7.96 13.48 -21.47
C ALA A 78 -7.97 11.98 -21.82
N VAL A 79 -8.22 11.13 -20.82
CA VAL A 79 -8.49 9.68 -21.04
C VAL A 79 -9.93 9.46 -20.60
N VAL A 80 -10.72 8.76 -21.42
CA VAL A 80 -12.12 8.39 -21.09
C VAL A 80 -12.13 6.92 -20.65
N THR A 81 -12.85 6.61 -19.58
CA THR A 81 -12.78 5.30 -18.88
C THR A 81 -13.86 4.35 -19.42
N HIS A 82 -14.87 4.85 -20.14
CA HIS A 82 -15.82 4.00 -20.89
C HIS A 82 -16.70 4.86 -21.81
N PHE A 83 -17.44 4.23 -22.70
CA PHE A 83 -18.15 4.88 -23.84
C PHE A 83 -19.39 5.66 -23.41
N HIS A 84 -19.88 5.56 -22.16
CA HIS A 84 -21.08 6.30 -21.69
C HIS A 84 -20.78 7.82 -21.58
N GLU A 85 -21.83 8.64 -21.60
CA GLU A 85 -21.77 10.12 -21.59
C GLU A 85 -21.14 10.65 -20.30
N ASP A 86 -21.29 9.97 -19.18
CA ASP A 86 -20.71 10.45 -17.90
C ASP A 86 -19.20 10.20 -17.86
N ALA A 87 -18.58 9.71 -18.94
CA ALA A 87 -17.10 9.52 -19.00
C ALA A 87 -16.52 10.10 -20.29
N SER A 88 -17.23 9.99 -21.41
CA SER A 88 -16.74 10.34 -22.76
C SER A 88 -17.62 11.40 -23.42
N GLY A 89 -18.57 11.98 -22.67
CA GLY A 89 -19.62 12.89 -23.18
C GLY A 89 -19.04 14.02 -24.00
N ASP A 90 -17.91 14.60 -23.60
CA ASP A 90 -17.41 15.84 -24.25
C ASP A 90 -16.16 15.54 -25.08
N ILE A 91 -16.06 14.34 -25.66
CA ILE A 91 -14.97 14.01 -26.65
C ILE A 91 -15.04 15.00 -27.81
N PRO A 92 -16.22 15.31 -28.38
CA PRO A 92 -16.32 16.22 -29.53
C PRO A 92 -15.77 17.63 -29.28
N LEU A 93 -15.99 18.21 -28.09
CA LEU A 93 -15.52 19.56 -27.65
C LEU A 93 -14.00 19.54 -27.47
N LEU A 94 -13.47 18.53 -26.78
CA LEU A 94 -12.01 18.41 -26.50
C LEU A 94 -11.23 18.31 -27.81
N ASN A 95 -11.76 17.57 -28.79
CA ASN A 95 -11.17 17.34 -30.13
C ASN A 95 -11.19 18.66 -30.94
N ASP A 96 -12.25 19.47 -30.79
CA ASP A 96 -12.33 20.83 -31.38
C ASP A 96 -11.24 21.71 -30.75
N LEU A 97 -11.14 21.72 -29.41
CA LEU A 97 -10.17 22.55 -28.66
C LEU A 97 -8.75 22.00 -28.86
N LYS A 98 -8.60 20.94 -29.65
CA LYS A 98 -7.32 20.23 -29.95
C LYS A 98 -6.67 19.77 -28.64
N ILE A 99 -7.49 19.27 -27.71
CA ILE A 99 -7.00 18.53 -26.52
C ILE A 99 -7.05 17.04 -26.89
N LYS A 100 -5.90 16.34 -26.84
CA LYS A 100 -5.78 14.90 -27.18
C LYS A 100 -6.78 14.11 -26.32
N THR A 101 -7.60 13.28 -26.93
CA THR A 101 -8.48 12.32 -26.22
C THR A 101 -7.91 10.91 -26.40
N TYR A 102 -7.79 10.17 -25.31
CA TYR A 102 -7.34 8.75 -25.31
C TYR A 102 -8.52 7.86 -24.92
N ALA A 103 -8.71 6.80 -25.69
CA ALA A 103 -9.72 5.76 -25.45
C ALA A 103 -9.14 4.44 -25.95
N THR A 104 -9.47 3.32 -25.34
CA THR A 104 -9.07 2.00 -25.89
C THR A 104 -9.77 1.78 -27.23
N SER A 105 -9.27 0.82 -28.01
CA SER A 105 -9.93 0.30 -29.23
C SER A 105 -11.34 -0.20 -28.93
N LEU A 106 -11.59 -0.81 -27.77
CA LEU A 106 -12.95 -1.30 -27.40
C LEU A 106 -13.88 -0.09 -27.18
N THR A 107 -13.44 0.93 -26.42
CA THR A 107 -14.24 2.17 -26.23
C THR A 107 -14.53 2.81 -27.59
N ASN A 108 -13.56 2.90 -28.48
CA ASN A 108 -13.79 3.57 -29.79
C ASN A 108 -14.79 2.77 -30.61
N LYS A 109 -14.72 1.44 -30.56
CA LYS A 109 -15.67 0.54 -31.27
C LYS A 109 -17.08 0.86 -30.78
N LEU A 110 -17.26 1.00 -29.48
CA LEU A 110 -18.63 1.21 -28.92
C LEU A 110 -19.07 2.66 -29.15
N LEU A 111 -18.18 3.66 -29.10
CA LEU A 111 -18.54 5.03 -29.54
C LEU A 111 -19.03 4.98 -31.00
N LYS A 112 -18.23 4.40 -31.90
CA LYS A 112 -18.53 4.37 -33.36
C LYS A 112 -19.88 3.67 -33.58
N LEU A 113 -20.12 2.51 -32.95
CA LEU A 113 -21.39 1.73 -33.04
C LEU A 113 -22.57 2.61 -32.63
N ASN A 114 -22.40 3.52 -31.66
CA ASN A 114 -23.49 4.41 -31.17
C ASN A 114 -23.43 5.80 -31.85
N GLN A 115 -22.74 5.90 -32.99
CA GLN A 115 -22.67 7.08 -33.91
C GLN A 115 -22.05 8.28 -33.19
N LYS A 116 -21.03 8.06 -32.36
CA LYS A 116 -20.36 9.15 -31.61
C LYS A 116 -18.91 9.26 -32.07
N GLU A 117 -18.36 10.47 -32.01
CA GLU A 117 -16.98 10.76 -32.44
C GLU A 117 -16.02 9.89 -31.61
N VAL A 118 -14.99 9.35 -32.25
CA VAL A 118 -13.94 8.52 -31.60
C VAL A 118 -12.90 9.46 -30.99
N SER A 119 -12.09 8.95 -30.06
CA SER A 119 -10.90 9.63 -29.49
C SER A 119 -9.91 9.98 -30.60
N SER A 120 -9.07 10.99 -30.35
CA SER A 120 -8.01 11.42 -31.29
C SER A 120 -6.90 10.36 -31.28
N ASP A 121 -6.70 9.72 -30.13
CA ASP A 121 -5.60 8.75 -29.86
C ASP A 121 -6.20 7.46 -29.29
N GLU A 122 -5.73 6.32 -29.79
CA GLU A 122 -6.28 4.99 -29.42
C GLU A 122 -5.31 4.28 -28.48
N ILE A 123 -5.79 3.79 -27.35
CA ILE A 123 -4.96 2.87 -26.53
C ILE A 123 -5.11 1.46 -27.09
N SER A 124 -4.03 0.81 -27.52
CA SER A 124 -4.12 -0.55 -28.15
C SER A 124 -3.38 -1.59 -27.30
N SER A 125 -3.39 -1.43 -25.99
CA SER A 125 -2.67 -2.29 -25.03
C SER A 125 -3.52 -2.41 -23.76
N ASN A 126 -3.41 -3.50 -22.98
CA ASN A 126 -4.15 -3.71 -21.71
C ASN A 126 -3.61 -2.79 -20.62
N THR A 127 -2.35 -2.37 -20.70
CA THR A 127 -1.77 -1.37 -19.76
C THR A 127 -1.19 -0.24 -20.60
N PHE A 128 -1.32 1.01 -20.15
CA PHE A 128 -0.92 2.20 -20.94
C PHE A 128 -0.44 3.27 -19.98
N GLU A 129 0.70 3.89 -20.27
CA GLU A 129 1.27 4.95 -19.40
C GLU A 129 0.67 6.27 -19.88
N PHE A 130 -0.43 6.71 -19.28
CA PHE A 130 -1.20 7.90 -19.74
C PHE A 130 -0.36 9.15 -19.46
N ILE A 131 0.22 9.25 -18.28
CA ILE A 131 1.20 10.33 -17.94
C ILE A 131 2.45 9.69 -17.35
N ASP A 132 3.59 9.86 -18.02
CA ASP A 132 4.89 9.23 -17.66
C ASP A 132 5.11 9.39 -16.14
N GLY A 133 5.19 8.26 -15.45
CA GLY A 133 5.41 8.12 -13.99
C GLY A 133 4.31 8.73 -13.13
N VAL A 134 3.14 9.06 -13.68
CA VAL A 134 2.08 9.77 -12.89
C VAL A 134 0.74 9.01 -13.04
N ALA A 135 0.38 8.53 -14.23
CA ALA A 135 -0.93 7.88 -14.47
C ALA A 135 -0.79 6.67 -15.39
N SER A 136 -1.33 5.52 -14.94
CA SER A 136 -1.32 4.18 -15.57
C SER A 136 -2.76 3.75 -15.84
N VAL A 137 -3.04 3.34 -17.08
CA VAL A 137 -4.35 2.78 -17.49
C VAL A 137 -4.22 1.28 -17.42
N PHE A 138 -5.23 0.60 -16.86
CA PHE A 138 -5.36 -0.87 -16.90
C PHE A 138 -6.75 -1.28 -17.39
N TYR A 139 -6.79 -2.22 -18.34
CA TYR A 139 -8.06 -2.83 -18.79
C TYR A 139 -8.23 -4.15 -18.03
N PRO A 140 -9.16 -4.23 -17.06
CA PRO A 140 -9.30 -5.46 -16.26
C PRO A 140 -10.18 -6.53 -16.88
N GLY A 141 -10.87 -6.20 -17.97
CA GLY A 141 -11.93 -7.03 -18.56
C GLY A 141 -13.30 -6.37 -18.35
N ALA A 142 -14.33 -7.02 -18.86
CA ALA A 142 -15.71 -6.50 -18.88
C ALA A 142 -16.25 -6.42 -17.45
N GLY A 143 -17.10 -5.43 -17.21
CA GLY A 143 -17.81 -5.25 -15.93
C GLY A 143 -19.07 -4.43 -16.15
N HIS A 144 -19.03 -3.17 -15.76
CA HIS A 144 -20.08 -2.15 -16.05
C HIS A 144 -20.30 -2.03 -17.57
N THR A 145 -19.24 -2.07 -18.39
CA THR A 145 -19.29 -2.17 -19.86
C THR A 145 -18.20 -3.17 -20.31
N GLU A 146 -18.22 -3.57 -21.57
CA GLU A 146 -17.15 -4.36 -22.22
C GLU A 146 -15.81 -3.60 -22.13
N ASP A 147 -15.85 -2.27 -22.14
CA ASP A 147 -14.67 -1.43 -22.49
C ASP A 147 -14.10 -0.75 -21.26
N ASN A 148 -14.71 -0.86 -20.09
CA ASN A 148 -14.33 -0.04 -18.92
C ASN A 148 -12.85 -0.25 -18.54
N ILE A 149 -12.14 0.84 -18.25
CA ILE A 149 -10.73 0.81 -17.77
C ILE A 149 -10.68 1.50 -16.42
N VAL A 150 -9.64 1.21 -15.64
CA VAL A 150 -9.34 1.93 -14.38
C VAL A 150 -8.03 2.72 -14.59
N VAL A 151 -7.83 3.74 -13.76
CA VAL A 151 -6.63 4.62 -13.86
C VAL A 151 -5.97 4.63 -12.49
N TRP A 152 -4.69 4.33 -12.47
CA TRP A 152 -3.88 4.25 -11.24
C TRP A 152 -2.92 5.44 -11.19
N LEU A 153 -2.88 6.12 -10.05
CA LEU A 153 -1.94 7.23 -9.75
C LEU A 153 -0.94 6.72 -8.72
N PRO A 154 0.22 6.21 -9.18
CA PRO A 154 1.19 5.59 -8.28
C PRO A 154 1.75 6.55 -7.20
N ASN A 155 1.86 7.85 -7.49
CA ASN A 155 2.46 8.82 -6.52
C ASN A 155 1.50 9.00 -5.34
N GLU A 156 0.20 9.00 -5.58
CA GLU A 156 -0.80 9.30 -4.53
C GLU A 156 -1.44 8.01 -4.01
N LYS A 157 -1.26 6.88 -4.70
CA LYS A 157 -1.91 5.59 -4.36
C LYS A 157 -3.42 5.73 -4.51
N ILE A 158 -3.83 6.42 -5.56
CA ILE A 158 -5.26 6.67 -5.91
C ILE A 158 -5.63 5.82 -7.13
N LEU A 159 -6.64 4.98 -6.97
CA LEU A 159 -7.25 4.19 -8.08
C LEU A 159 -8.57 4.84 -8.48
N PHE A 160 -8.65 5.36 -9.69
CA PHE A 160 -9.92 5.82 -10.30
C PHE A 160 -10.59 4.59 -10.90
N GLY A 161 -11.68 4.14 -10.28
CA GLY A 161 -12.42 2.94 -10.70
C GLY A 161 -13.43 3.29 -11.76
N GLY A 162 -13.83 4.56 -11.84
CA GLY A 162 -15.01 4.93 -12.64
C GLY A 162 -16.20 4.02 -12.30
N CYS A 163 -17.13 3.87 -13.24
CA CYS A 163 -18.41 3.15 -13.05
C CYS A 163 -18.18 1.63 -12.94
N PHE A 164 -16.97 1.15 -13.25
CA PHE A 164 -16.54 -0.23 -12.91
C PHE A 164 -16.63 -0.48 -11.39
N VAL A 165 -16.57 0.59 -10.60
CA VAL A 165 -16.53 0.48 -9.12
C VAL A 165 -17.75 1.19 -8.54
N LYS A 166 -18.46 0.52 -7.65
CA LYS A 166 -19.65 1.11 -6.96
C LYS A 166 -19.21 1.64 -5.58
N SER A 167 -19.88 2.68 -5.10
CA SER A 167 -19.73 3.22 -3.72
C SER A 167 -20.23 2.17 -2.71
N LEU A 168 -19.71 2.18 -1.48
CA LEU A 168 -20.04 1.17 -0.43
C LEU A 168 -21.55 1.08 -0.21
N LYS A 169 -22.20 2.25 -0.18
CA LYS A 169 -23.64 2.46 0.13
C LYS A 169 -24.50 1.87 -0.98
N ASN A 170 -24.02 1.89 -2.23
CA ASN A 170 -24.81 1.40 -3.39
C ASN A 170 -25.18 -0.03 -3.10
N LYS A 171 -26.45 -0.38 -3.27
CA LYS A 171 -26.95 -1.75 -3.05
C LYS A 171 -27.22 -2.43 -4.39
N ASN A 172 -27.01 -1.74 -5.52
CA ASN A 172 -27.07 -2.43 -6.83
C ASN A 172 -26.00 -1.83 -7.76
N LEU A 173 -26.01 -2.26 -9.04
CA LEU A 173 -24.89 -2.04 -9.99
C LEU A 173 -25.21 -0.83 -10.88
N GLY A 174 -26.38 -0.21 -10.71
CA GLY A 174 -26.85 0.89 -11.56
C GLY A 174 -27.30 0.37 -12.92
N TYR A 175 -26.98 1.08 -14.00
CA TYR A 175 -27.38 0.72 -15.39
C TYR A 175 -26.55 -0.49 -15.85
N THR A 176 -27.19 -1.61 -16.16
CA THR A 176 -26.52 -2.89 -16.49
C THR A 176 -26.85 -3.27 -17.93
N GLY A 177 -27.47 -2.40 -18.70
CA GLY A 177 -27.87 -2.71 -20.08
C GLY A 177 -26.68 -3.02 -20.98
N ASP A 178 -25.49 -2.50 -20.63
CA ASP A 178 -24.23 -2.73 -21.40
C ASP A 178 -23.22 -3.56 -20.58
N ALA A 179 -23.67 -4.16 -19.48
CA ALA A 179 -22.81 -4.83 -18.48
C ALA A 179 -22.58 -6.30 -18.83
N ASN A 180 -21.49 -6.87 -18.30
CA ASN A 180 -21.22 -8.32 -18.29
C ASN A 180 -21.13 -8.71 -16.82
N ILE A 181 -22.29 -9.00 -16.22
CA ILE A 181 -22.40 -9.25 -14.76
C ILE A 181 -21.67 -10.55 -14.43
N SER A 182 -21.61 -11.49 -15.37
CA SER A 182 -20.88 -12.76 -15.20
C SER A 182 -19.35 -12.53 -15.08
N GLU A 183 -18.77 -11.68 -15.92
CA GLU A 183 -17.28 -11.44 -15.92
C GLU A 183 -16.85 -10.45 -14.83
N TRP A 184 -17.75 -9.55 -14.41
CA TRP A 184 -17.42 -8.40 -13.54
C TRP A 184 -16.64 -8.87 -12.31
N PRO A 185 -17.03 -9.95 -11.58
CA PRO A 185 -16.26 -10.38 -10.42
C PRO A 185 -14.81 -10.83 -10.71
N ASN A 186 -14.60 -11.51 -11.83
CA ASN A 186 -13.25 -11.95 -12.29
C ASN A 186 -12.42 -10.71 -12.70
N SER A 187 -13.01 -9.78 -13.45
CA SER A 187 -12.41 -8.46 -13.77
C SER A 187 -11.97 -7.72 -12.50
N MET A 188 -12.88 -7.62 -11.53
CA MET A 188 -12.60 -6.95 -10.24
C MET A 188 -11.47 -7.67 -9.51
N GLN A 189 -11.42 -9.01 -9.56
CA GLN A 189 -10.36 -9.77 -8.83
C GLN A 189 -8.98 -9.37 -9.42
N LYS A 190 -8.91 -9.13 -10.72
CA LYS A 190 -7.67 -8.64 -11.36
C LYS A 190 -7.28 -7.29 -10.74
N VAL A 191 -8.24 -6.38 -10.54
CA VAL A 191 -7.95 -5.02 -10.00
C VAL A 191 -7.55 -5.17 -8.54
N ILE A 192 -8.31 -5.95 -7.77
CA ILE A 192 -7.95 -6.24 -6.35
C ILE A 192 -6.51 -6.77 -6.26
N ASN A 193 -6.13 -7.73 -7.10
CA ASN A 193 -4.80 -8.37 -7.05
C ASN A 193 -3.71 -7.38 -7.50
N ARG A 194 -4.02 -6.46 -8.40
CA ARG A 194 -3.05 -5.48 -8.96
C ARG A 194 -2.78 -4.34 -7.97
N TYR A 195 -3.75 -3.94 -7.15
CA TYR A 195 -3.63 -2.70 -6.36
C TYR A 195 -3.88 -2.95 -4.88
N PRO A 196 -3.12 -3.84 -4.22
CA PRO A 196 -3.25 -3.98 -2.77
C PRO A 196 -2.77 -2.73 -2.01
N ASP A 197 -2.05 -1.80 -2.66
CA ASP A 197 -1.47 -0.57 -2.07
C ASP A 197 -2.41 0.64 -2.24
N ALA A 198 -3.59 0.46 -2.85
CA ALA A 198 -4.52 1.56 -3.12
C ALA A 198 -4.94 2.14 -1.77
N LYS A 199 -4.81 3.45 -1.58
CA LYS A 199 -5.23 4.16 -0.35
C LYS A 199 -6.63 4.73 -0.59
N LEU A 200 -6.89 5.24 -1.79
CA LEU A 200 -8.18 5.88 -2.15
C LEU A 200 -8.70 5.24 -3.44
N VAL A 201 -9.97 4.80 -3.45
CA VAL A 201 -10.70 4.31 -4.64
C VAL A 201 -11.80 5.32 -4.94
N VAL A 202 -11.81 5.83 -6.17
CA VAL A 202 -12.79 6.84 -6.63
C VAL A 202 -13.82 6.09 -7.47
N PRO A 203 -15.09 5.97 -7.00
CA PRO A 203 -16.14 5.41 -7.84
C PRO A 203 -16.62 6.46 -8.86
N GLY A 204 -17.29 6.02 -9.92
CA GLY A 204 -17.84 6.95 -10.93
C GLY A 204 -18.93 7.84 -10.31
N HIS A 205 -19.58 7.36 -9.25
CA HIS A 205 -20.67 8.03 -8.49
C HIS A 205 -20.56 7.63 -7.02
N GLY A 206 -20.76 8.59 -6.12
CA GLY A 206 -20.83 8.32 -4.68
C GLY A 206 -19.49 8.53 -4.03
N GLU A 207 -19.38 8.09 -2.78
CA GLU A 207 -18.34 8.52 -1.83
C GLU A 207 -17.03 7.81 -2.20
N VAL A 208 -15.89 8.50 -2.11
CA VAL A 208 -14.54 7.86 -2.19
C VAL A 208 -14.38 6.95 -0.97
N GLY A 209 -13.62 5.87 -1.09
CA GLY A 209 -13.31 4.99 0.05
C GLY A 209 -12.00 4.27 -0.12
N ASP A 210 -11.88 3.14 0.54
CA ASP A 210 -10.68 2.26 0.52
C ASP A 210 -10.96 1.11 -0.44
N VAL A 211 -10.17 0.05 -0.38
CA VAL A 211 -10.25 -1.17 -1.23
C VAL A 211 -11.59 -1.89 -1.05
N SER A 212 -12.25 -1.73 0.12
CA SER A 212 -13.54 -2.39 0.42
C SER A 212 -14.50 -2.17 -0.75
N LEU A 213 -14.39 -1.03 -1.43
CA LEU A 213 -15.26 -0.64 -2.58
C LEU A 213 -15.09 -1.64 -3.71
N LEU A 214 -13.87 -2.14 -3.89
CA LEU A 214 -13.55 -3.20 -4.89
C LEU A 214 -14.28 -4.48 -4.49
N LYS A 215 -14.12 -4.94 -3.23
CA LYS A 215 -14.71 -6.19 -2.71
C LYS A 215 -16.24 -6.08 -2.70
N HIS A 216 -16.75 -4.91 -2.34
CA HIS A 216 -18.21 -4.61 -2.31
C HIS A 216 -18.78 -4.72 -3.73
N THR A 217 -18.14 -4.13 -4.73
CA THR A 217 -18.61 -4.21 -6.14
C THR A 217 -18.58 -5.67 -6.58
N GLN A 218 -17.52 -6.40 -6.24
CA GLN A 218 -17.41 -7.84 -6.59
C GLN A 218 -18.62 -8.60 -6.02
N ALA A 219 -19.00 -8.30 -4.78
CA ALA A 219 -20.12 -8.96 -4.07
C ALA A 219 -21.45 -8.63 -4.73
N LEU A 220 -21.72 -7.36 -4.99
CA LEU A 220 -22.93 -6.93 -5.75
C LEU A 220 -23.05 -7.74 -7.04
N ALA A 221 -21.95 -7.86 -7.81
CA ALA A 221 -21.92 -8.56 -9.12
C ALA A 221 -22.15 -10.06 -8.91
N LEU A 222 -21.54 -10.66 -7.89
CA LEU A 222 -21.70 -12.13 -7.66
C LEU A 222 -23.16 -12.47 -7.34
N SER A 223 -23.88 -11.57 -6.67
CA SER A 223 -25.28 -11.77 -6.21
C SER A 223 -26.25 -11.54 -7.37
N ALA A 224 -26.01 -10.53 -8.21
CA ALA A 224 -26.84 -10.17 -9.39
C ALA A 224 -26.87 -11.32 -10.40
N ALA A 225 -25.86 -12.19 -10.43
CA ALA A 225 -25.84 -13.43 -11.26
C ALA A 225 -26.88 -14.43 -10.71
N ALA A 226 -27.27 -14.27 -9.44
CA ALA A 226 -28.41 -14.94 -8.77
C ALA A 226 -29.58 -13.95 -8.60
N GLY B 8 -5.14 -28.21 27.26
CA GLY B 8 -4.99 -28.49 25.81
C GLY B 8 -3.53 -28.47 25.38
N THR B 9 -3.28 -28.36 24.06
CA THR B 9 -1.94 -28.32 23.42
C THR B 9 -1.65 -26.88 22.98
N LYS B 10 -0.49 -26.64 22.37
CA LYS B 10 -0.13 -25.31 21.80
C LYS B 10 -1.02 -25.02 20.58
N GLU B 11 -1.63 -26.04 19.95
CA GLU B 11 -2.40 -25.88 18.68
C GLU B 11 -3.92 -25.89 18.93
N LEU B 12 -4.40 -26.54 20.00
CA LEU B 12 -5.87 -26.70 20.23
C LEU B 12 -6.19 -26.69 21.73
N LYS B 13 -7.25 -25.97 22.08
CA LYS B 13 -7.90 -26.02 23.41
C LYS B 13 -9.41 -26.14 23.18
N LEU B 14 -10.06 -26.96 24.01
CA LEU B 14 -11.53 -27.14 24.06
C LEU B 14 -12.08 -26.57 25.37
N LYS B 15 -13.19 -25.84 25.30
CA LYS B 15 -13.95 -25.39 26.48
C LYS B 15 -15.39 -25.85 26.34
N LYS B 16 -15.97 -26.39 27.38
CA LYS B 16 -17.39 -26.84 27.40
C LYS B 16 -18.30 -25.62 27.58
N LEU B 17 -19.29 -25.43 26.69
CA LEU B 17 -20.32 -24.37 26.83
C LEU B 17 -21.63 -24.98 27.37
N SER B 18 -21.95 -26.23 27.04
CA SER B 18 -23.11 -27.00 27.57
C SER B 18 -22.82 -28.47 27.31
N ASP B 19 -23.65 -29.38 27.84
CA ASP B 19 -23.49 -30.85 27.63
C ASP B 19 -23.20 -31.13 26.16
N ASN B 20 -23.87 -30.45 25.23
CA ASN B 20 -23.85 -30.79 23.78
C ASN B 20 -22.93 -29.87 22.99
N VAL B 21 -22.32 -28.88 23.60
CA VAL B 21 -21.60 -27.86 22.80
C VAL B 21 -20.25 -27.57 23.44
N TYR B 22 -19.19 -27.72 22.65
CA TYR B 22 -17.81 -27.34 23.01
C TYR B 22 -17.33 -26.25 22.07
N GLN B 23 -16.57 -25.32 22.63
CA GLN B 23 -15.83 -24.31 21.87
C GLN B 23 -14.44 -24.89 21.57
N HIS B 24 -14.01 -24.90 20.30
CA HIS B 24 -12.62 -25.22 19.95
C HIS B 24 -11.87 -23.91 19.71
N ILE B 25 -10.71 -23.75 20.33
CA ILE B 25 -9.85 -22.55 20.13
C ILE B 25 -8.56 -23.02 19.48
N SER B 26 -8.20 -22.46 18.34
CA SER B 26 -6.96 -22.81 17.61
C SER B 26 -6.13 -21.53 17.41
N TYR B 27 -4.82 -21.67 17.32
CA TYR B 27 -3.87 -20.54 17.37
C TYR B 27 -3.09 -20.51 16.06
N LYS B 28 -2.73 -19.31 15.60
CA LYS B 28 -1.83 -19.15 14.44
C LYS B 28 -1.08 -17.82 14.60
N ARG B 29 0.22 -17.85 14.31
CA ARG B 29 1.03 -16.61 14.19
C ARG B 29 0.46 -15.87 12.99
N VAL B 30 0.00 -14.64 13.17
CA VAL B 30 -0.45 -13.76 12.07
C VAL B 30 0.18 -12.38 12.27
N GLU B 31 1.30 -12.17 11.55
CA GLU B 31 2.18 -10.97 11.65
C GLU B 31 1.35 -9.76 11.19
N PRO B 32 1.46 -8.58 11.82
CA PRO B 32 2.38 -8.34 12.95
C PRO B 32 1.78 -8.59 14.35
N TRP B 33 0.52 -9.02 14.41
CA TRP B 33 -0.30 -9.14 15.66
C TRP B 33 0.26 -10.21 16.58
N GLY B 34 1.04 -11.15 16.05
CA GLY B 34 1.54 -12.33 16.79
C GLY B 34 0.51 -13.44 16.80
N LEU B 35 0.66 -14.38 17.72
CA LEU B 35 -0.13 -15.63 17.86
C LEU B 35 -1.54 -15.26 18.36
N ILE B 36 -2.58 -15.40 17.53
CA ILE B 36 -3.97 -15.15 17.99
C ILE B 36 -4.85 -16.41 17.83
N GLY B 37 -5.90 -16.45 18.66
CA GLY B 37 -6.86 -17.57 18.80
C GLY B 37 -8.09 -17.32 17.95
N ALA B 38 -8.63 -18.38 17.35
CA ALA B 38 -9.88 -18.38 16.57
C ALA B 38 -10.83 -19.43 17.19
N SER B 39 -12.11 -19.12 17.31
CA SER B 39 -13.11 -19.99 17.97
C SER B 39 -14.03 -20.63 16.92
N GLY B 40 -14.29 -21.93 17.09
CA GLY B 40 -15.43 -22.61 16.45
C GLY B 40 -16.17 -23.44 17.48
N LEU B 41 -17.14 -24.24 17.06
CA LEU B 41 -17.86 -25.12 18.01
C LEU B 41 -17.75 -26.56 17.52
N VAL B 42 -17.88 -27.49 18.45
CA VAL B 42 -18.32 -28.87 18.19
C VAL B 42 -19.73 -29.00 18.77
N VAL B 43 -20.68 -29.36 17.94
CA VAL B 43 -22.09 -29.60 18.39
C VAL B 43 -22.29 -31.12 18.38
N ILE B 44 -22.70 -31.65 19.51
CA ILE B 44 -22.87 -33.11 19.72
C ILE B 44 -24.35 -33.40 19.63
N ASN B 45 -24.73 -34.41 18.85
CA ASN B 45 -26.13 -34.88 18.75
C ASN B 45 -26.12 -36.39 18.93
N GLY B 46 -26.23 -36.85 20.19
CA GLY B 46 -26.10 -38.27 20.56
C GLY B 46 -24.71 -38.83 20.25
N THR B 47 -24.59 -39.77 19.33
CA THR B 47 -23.28 -40.34 18.92
C THR B 47 -22.64 -39.54 17.75
N GLU B 48 -23.31 -38.50 17.26
CA GLU B 48 -22.91 -37.77 16.03
C GLU B 48 -22.36 -36.40 16.45
N ALA B 49 -21.29 -35.96 15.83
CA ALA B 49 -20.65 -34.67 16.10
C ALA B 49 -20.60 -33.86 14.81
N HIS B 50 -20.65 -32.53 14.93
CA HIS B 50 -20.63 -31.58 13.82
C HIS B 50 -19.72 -30.41 14.19
N MET B 51 -18.99 -29.89 13.21
CA MET B 51 -18.05 -28.78 13.42
C MET B 51 -18.69 -27.51 12.83
N ILE B 52 -18.60 -26.42 13.57
CA ILE B 52 -18.87 -25.05 13.07
C ILE B 52 -17.49 -24.39 13.06
N ASP B 53 -16.97 -24.18 11.85
CA ASP B 53 -15.64 -23.61 11.51
C ASP B 53 -14.57 -24.69 11.73
N THR B 54 -13.59 -24.73 10.85
CA THR B 54 -12.42 -25.63 11.00
C THR B 54 -11.43 -24.90 11.91
N PRO B 55 -10.66 -25.62 12.75
CA PRO B 55 -9.50 -25.01 13.38
C PRO B 55 -8.59 -24.40 12.31
N TRP B 56 -7.72 -23.52 12.78
CA TRP B 56 -6.95 -22.56 11.93
C TRP B 56 -5.69 -23.23 11.35
N THR B 57 -5.24 -24.34 11.94
CA THR B 57 -4.08 -25.12 11.44
C THR B 57 -4.49 -26.58 11.26
N THR B 58 -3.72 -27.32 10.48
CA THR B 58 -3.94 -28.76 10.18
C THR B 58 -3.71 -29.59 11.45
N GLN B 59 -2.74 -29.21 12.30
CA GLN B 59 -2.53 -29.88 13.63
C GLN B 59 -3.78 -29.71 14.48
N GLY B 60 -4.30 -28.49 14.56
CA GLY B 60 -5.55 -28.21 15.28
C GLY B 60 -6.66 -29.13 14.80
N THR B 61 -6.87 -29.19 13.49
CA THR B 61 -7.96 -29.99 12.89
C THR B 61 -7.72 -31.46 13.23
N LYS B 62 -6.51 -31.96 12.98
CA LYS B 62 -6.15 -33.36 13.32
C LYS B 62 -6.54 -33.61 14.79
N GLN B 63 -6.08 -32.73 15.67
CA GLN B 63 -6.26 -32.91 17.14
C GLN B 63 -7.75 -32.76 17.49
N LEU B 64 -8.50 -31.90 16.82
CA LEU B 64 -9.94 -31.77 17.14
C LEU B 64 -10.66 -33.07 16.76
N ILE B 65 -10.40 -33.58 15.56
CA ILE B 65 -11.02 -34.84 15.08
C ILE B 65 -10.65 -35.96 16.07
N GLU B 66 -9.39 -36.04 16.48
CA GLU B 66 -8.92 -37.04 17.49
C GLU B 66 -9.71 -36.90 18.80
N TRP B 67 -9.87 -35.68 19.32
CA TRP B 67 -10.66 -35.41 20.56
C TRP B 67 -12.11 -35.88 20.37
N ILE B 68 -12.72 -35.61 19.22
CA ILE B 68 -14.17 -35.96 19.03
C ILE B 68 -14.29 -37.48 19.02
N GLU B 69 -13.42 -38.15 18.27
CA GLU B 69 -13.44 -39.62 18.12
C GLU B 69 -13.12 -40.26 19.47
N ALA B 70 -12.22 -39.64 20.25
CA ALA B 70 -11.80 -40.18 21.57
C ALA B 70 -13.01 -40.14 22.51
N LYS B 71 -13.93 -39.20 22.31
CA LYS B 71 -15.19 -39.14 23.09
C LYS B 71 -16.16 -40.24 22.64
N GLY B 72 -15.81 -41.03 21.61
CA GLY B 72 -16.72 -42.05 21.06
C GLY B 72 -17.79 -41.49 20.15
N LEU B 73 -17.51 -40.38 19.47
CA LEU B 73 -18.42 -39.70 18.52
C LEU B 73 -17.91 -39.84 17.09
N THR B 74 -18.82 -39.77 16.12
CA THR B 74 -18.51 -39.74 14.68
C THR B 74 -18.79 -38.33 14.14
N ILE B 75 -17.81 -37.69 13.53
CA ILE B 75 -17.98 -36.37 12.86
C ILE B 75 -18.77 -36.61 11.56
N LYS B 76 -19.96 -36.05 11.43
CA LYS B 76 -20.83 -36.23 10.24
C LYS B 76 -20.67 -35.07 9.26
N SER B 77 -20.41 -33.85 9.75
CA SER B 77 -20.49 -32.67 8.88
C SER B 77 -19.86 -31.45 9.55
N ALA B 78 -19.45 -30.49 8.73
CA ALA B 78 -18.88 -29.20 9.12
C ALA B 78 -19.60 -28.12 8.33
N VAL B 79 -19.80 -26.97 8.97
CA VAL B 79 -20.27 -25.77 8.25
C VAL B 79 -19.21 -24.70 8.45
N VAL B 80 -18.89 -23.97 7.38
CA VAL B 80 -17.93 -22.84 7.48
C VAL B 80 -18.71 -21.53 7.38
N THR B 81 -18.36 -20.56 8.24
CA THR B 81 -19.19 -19.38 8.51
C THR B 81 -18.74 -18.20 7.63
N HIS B 82 -17.59 -18.30 6.96
CA HIS B 82 -17.18 -17.36 5.87
C HIS B 82 -15.89 -17.85 5.20
N PHE B 83 -15.46 -17.20 4.12
CA PHE B 83 -14.39 -17.73 3.24
C PHE B 83 -12.98 -17.57 3.84
N HIS B 84 -12.77 -16.77 4.88
CA HIS B 84 -11.40 -16.57 5.44
C HIS B 84 -10.89 -17.89 6.01
N GLU B 85 -9.56 -18.03 6.05
CA GLU B 85 -8.81 -19.21 6.55
C GLU B 85 -9.21 -19.59 7.98
N ASP B 86 -9.54 -18.64 8.86
CA ASP B 86 -9.80 -18.95 10.29
C ASP B 86 -11.13 -19.70 10.39
N ALA B 87 -11.98 -19.68 9.35
CA ALA B 87 -13.29 -20.38 9.34
C ALA B 87 -13.28 -21.57 8.36
N SER B 88 -12.60 -21.44 7.20
CA SER B 88 -12.70 -22.36 6.04
C SER B 88 -11.36 -23.04 5.74
N GLY B 89 -10.36 -22.85 6.60
CA GLY B 89 -8.99 -23.37 6.40
C GLY B 89 -8.92 -24.84 6.04
N ASP B 90 -9.63 -25.72 6.73
CA ASP B 90 -9.32 -27.17 6.61
C ASP B 90 -10.41 -27.88 5.81
N ILE B 91 -11.10 -27.15 4.93
CA ILE B 91 -12.06 -27.74 3.98
C ILE B 91 -11.36 -28.89 3.25
N PRO B 92 -10.16 -28.71 2.64
CA PRO B 92 -9.53 -29.81 1.89
C PRO B 92 -9.36 -31.09 2.71
N LEU B 93 -8.89 -30.99 3.96
CA LEU B 93 -8.70 -32.18 4.83
C LEU B 93 -10.06 -32.81 5.14
N LEU B 94 -11.08 -32.01 5.46
CA LEU B 94 -12.40 -32.59 5.81
C LEU B 94 -12.97 -33.32 4.58
N ASN B 95 -12.83 -32.73 3.38
CA ASN B 95 -13.30 -33.31 2.10
C ASN B 95 -12.56 -34.64 1.86
N ASP B 96 -11.25 -34.66 2.11
CA ASP B 96 -10.40 -35.88 1.96
C ASP B 96 -10.89 -36.97 2.92
N LEU B 97 -11.31 -36.61 4.13
CA LEU B 97 -11.79 -37.58 5.16
C LEU B 97 -13.26 -37.91 4.89
N LYS B 98 -13.82 -37.38 3.81
CA LYS B 98 -15.24 -37.61 3.46
C LYS B 98 -16.16 -37.11 4.60
N ILE B 99 -15.73 -36.10 5.33
CA ILE B 99 -16.64 -35.31 6.23
C ILE B 99 -17.32 -34.26 5.34
N LYS B 100 -18.63 -34.35 5.17
CA LYS B 100 -19.42 -33.33 4.42
C LYS B 100 -19.11 -31.92 4.96
N THR B 101 -18.77 -30.99 4.06
CA THR B 101 -18.50 -29.57 4.39
C THR B 101 -19.61 -28.73 3.73
N TYR B 102 -20.22 -27.83 4.51
CA TYR B 102 -21.29 -26.94 4.05
C TYR B 102 -20.76 -25.51 4.04
N ALA B 103 -21.05 -24.80 2.96
CA ALA B 103 -20.80 -23.35 2.80
C ALA B 103 -21.91 -22.82 1.90
N THR B 104 -22.26 -21.55 2.03
CA THR B 104 -23.21 -20.89 1.11
C THR B 104 -22.60 -20.82 -0.28
N SER B 105 -23.44 -20.68 -1.30
CA SER B 105 -23.03 -20.41 -2.70
C SER B 105 -22.04 -19.24 -2.75
N LEU B 106 -22.33 -18.16 -2.04
CA LEU B 106 -21.46 -16.95 -2.09
C LEU B 106 -20.10 -17.26 -1.47
N THR B 107 -20.06 -17.92 -0.32
CA THR B 107 -18.78 -18.35 0.32
C THR B 107 -17.94 -19.12 -0.69
N ASN B 108 -18.52 -20.13 -1.36
CA ASN B 108 -17.81 -20.98 -2.34
C ASN B 108 -17.32 -20.12 -3.53
N LYS B 109 -18.12 -19.16 -4.00
CA LYS B 109 -17.68 -18.25 -5.08
C LYS B 109 -16.43 -17.47 -4.63
N LEU B 110 -16.39 -16.99 -3.38
CA LEU B 110 -15.23 -16.23 -2.85
C LEU B 110 -14.05 -17.19 -2.59
N LEU B 111 -14.30 -18.41 -2.11
CA LEU B 111 -13.20 -19.40 -2.03
C LEU B 111 -12.60 -19.57 -3.43
N LYS B 112 -13.42 -19.82 -4.45
CA LYS B 112 -12.93 -20.13 -5.83
C LYS B 112 -12.20 -18.90 -6.40
N LEU B 113 -12.69 -17.69 -6.12
CA LEU B 113 -12.01 -16.44 -6.57
C LEU B 113 -10.64 -16.27 -5.89
N ASN B 114 -10.42 -16.90 -4.73
CA ASN B 114 -9.18 -16.79 -3.91
C ASN B 114 -8.39 -18.10 -4.02
N GLN B 115 -8.71 -18.91 -5.02
CA GLN B 115 -7.95 -20.12 -5.45
C GLN B 115 -8.01 -21.16 -4.32
N LYS B 116 -9.16 -21.29 -3.65
CA LYS B 116 -9.36 -22.23 -2.51
C LYS B 116 -10.41 -23.27 -2.87
N GLU B 117 -10.27 -24.47 -2.32
CA GLU B 117 -11.19 -25.61 -2.54
C GLU B 117 -12.58 -25.23 -1.99
N VAL B 118 -13.62 -25.54 -2.75
CA VAL B 118 -15.04 -25.25 -2.36
C VAL B 118 -15.53 -26.37 -1.44
N SER B 119 -16.56 -26.08 -0.63
CA SER B 119 -17.23 -27.10 0.22
C SER B 119 -17.74 -28.24 -0.66
N SER B 120 -17.94 -29.42 -0.08
CA SER B 120 -18.56 -30.58 -0.77
C SER B 120 -20.04 -30.26 -1.02
N ASP B 121 -20.71 -29.54 -0.10
CA ASP B 121 -22.18 -29.32 -0.14
C ASP B 121 -22.47 -27.81 0.03
N GLU B 122 -23.49 -27.33 -0.66
CA GLU B 122 -23.74 -25.88 -0.82
C GLU B 122 -25.04 -25.51 -0.11
N ILE B 123 -25.03 -24.38 0.62
CA ILE B 123 -26.24 -23.81 1.23
C ILE B 123 -26.78 -22.79 0.23
N SER B 124 -27.94 -23.07 -0.35
CA SER B 124 -28.54 -22.18 -1.39
C SER B 124 -29.75 -21.43 -0.84
N SER B 125 -30.13 -21.66 0.42
CA SER B 125 -31.26 -20.97 1.09
C SER B 125 -30.72 -20.17 2.28
N ASN B 126 -31.39 -19.07 2.63
CA ASN B 126 -30.88 -18.04 3.57
C ASN B 126 -31.10 -18.51 5.00
N THR B 127 -32.04 -19.43 5.21
CA THR B 127 -32.12 -20.27 6.44
C THR B 127 -31.92 -21.73 6.02
N PHE B 128 -31.17 -22.51 6.79
CA PHE B 128 -30.76 -23.87 6.41
C PHE B 128 -30.62 -24.69 7.68
N GLU B 129 -31.32 -25.82 7.77
CA GLU B 129 -31.25 -26.74 8.92
C GLU B 129 -29.99 -27.59 8.83
N PHE B 130 -28.91 -27.14 9.45
CA PHE B 130 -27.59 -27.81 9.44
C PHE B 130 -27.69 -29.15 10.18
N ILE B 131 -28.30 -29.15 11.36
CA ILE B 131 -28.55 -30.40 12.15
C ILE B 131 -30.05 -30.43 12.43
N ASP B 132 -30.75 -31.45 11.97
CA ASP B 132 -32.23 -31.56 12.11
C ASP B 132 -32.59 -31.31 13.58
N GLY B 133 -33.36 -30.26 13.86
CA GLY B 133 -33.87 -29.94 15.20
C GLY B 133 -32.79 -29.40 16.14
N VAL B 134 -31.55 -29.18 15.67
CA VAL B 134 -30.43 -28.85 16.60
C VAL B 134 -29.71 -27.57 16.19
N ALA B 135 -29.49 -27.34 14.91
CA ALA B 135 -28.71 -26.17 14.43
C ALA B 135 -29.32 -25.58 13.18
N SER B 136 -29.44 -24.25 13.20
CA SER B 136 -29.98 -23.48 12.07
C SER B 136 -28.93 -22.46 11.61
N VAL B 137 -28.64 -22.50 10.30
CA VAL B 137 -27.77 -21.50 9.63
C VAL B 137 -28.66 -20.35 9.16
N PHE B 138 -28.26 -19.12 9.44
CA PHE B 138 -28.96 -17.89 9.00
C PHE B 138 -27.94 -16.94 8.38
N TYR B 139 -28.20 -16.46 7.17
CA TYR B 139 -27.40 -15.41 6.47
C TYR B 139 -28.06 -14.07 6.77
N PRO B 140 -27.50 -13.20 7.65
CA PRO B 140 -28.16 -11.96 8.05
C PRO B 140 -27.87 -10.79 7.10
N GLY B 141 -26.95 -10.97 6.16
CA GLY B 141 -26.46 -9.88 5.31
C GLY B 141 -25.00 -9.65 5.61
N ALA B 142 -24.41 -8.75 4.85
CA ALA B 142 -22.97 -8.44 4.89
C ALA B 142 -22.61 -7.85 6.25
N GLY B 143 -21.37 -8.07 6.67
CA GLY B 143 -20.78 -7.39 7.82
C GLY B 143 -19.29 -7.51 7.80
N HIS B 144 -18.73 -8.38 8.64
CA HIS B 144 -17.29 -8.74 8.61
C HIS B 144 -16.86 -9.16 7.21
N THR B 145 -17.73 -9.92 6.51
CA THR B 145 -17.58 -10.23 5.06
C THR B 145 -18.96 -10.15 4.43
N GLU B 146 -19.02 -10.17 3.11
CA GLU B 146 -20.29 -10.23 2.35
C GLU B 146 -21.02 -11.54 2.65
N ASP B 147 -20.31 -12.63 2.98
CA ASP B 147 -20.88 -14.03 2.97
C ASP B 147 -21.12 -14.55 4.40
N ASN B 148 -20.74 -13.82 5.45
CA ASN B 148 -20.78 -14.33 6.85
C ASN B 148 -22.18 -14.82 7.22
N ILE B 149 -22.24 -16.01 7.83
CA ILE B 149 -23.48 -16.59 8.39
C ILE B 149 -23.30 -16.82 9.88
N VAL B 150 -24.40 -16.99 10.60
CA VAL B 150 -24.39 -17.26 12.05
C VAL B 150 -25.07 -18.60 12.22
N VAL B 151 -24.82 -19.29 13.32
CA VAL B 151 -25.49 -20.59 13.53
C VAL B 151 -26.19 -20.54 14.87
N TRP B 152 -27.46 -20.90 14.84
CA TRP B 152 -28.33 -20.88 16.04
C TRP B 152 -28.57 -22.31 16.50
N LEU B 153 -28.36 -22.53 17.79
CA LEU B 153 -28.58 -23.82 18.47
C LEU B 153 -29.77 -23.63 19.42
N PRO B 154 -31.03 -23.80 18.93
CA PRO B 154 -32.22 -23.51 19.72
C PRO B 154 -32.36 -24.21 21.07
N ASN B 155 -31.91 -25.46 21.21
CA ASN B 155 -32.06 -26.23 22.47
C ASN B 155 -31.07 -25.70 23.52
N GLU B 156 -29.95 -25.10 23.13
CA GLU B 156 -28.93 -24.59 24.09
C GLU B 156 -29.02 -23.07 24.21
N LYS B 157 -29.72 -22.37 23.32
CA LYS B 157 -29.77 -20.89 23.30
C LYS B 157 -28.36 -20.35 23.09
N ILE B 158 -27.58 -21.05 22.27
CA ILE B 158 -26.24 -20.62 21.82
C ILE B 158 -26.32 -20.13 20.37
N LEU B 159 -25.80 -18.93 20.18
CA LEU B 159 -25.61 -18.30 18.85
C LEU B 159 -24.12 -18.27 18.58
N PHE B 160 -23.69 -18.96 17.53
CA PHE B 160 -22.35 -18.81 16.96
C PHE B 160 -22.35 -17.62 16.00
N GLY B 161 -21.68 -16.53 16.40
CA GLY B 161 -21.57 -15.30 15.61
C GLY B 161 -20.37 -15.36 14.70
N GLY B 162 -19.27 -15.96 15.17
CA GLY B 162 -18.02 -15.98 14.40
C GLY B 162 -17.51 -14.56 14.30
N CYS B 163 -16.83 -14.21 13.21
CA CYS B 163 -16.14 -12.90 13.08
C CYS B 163 -17.11 -11.78 12.77
N PHE B 164 -18.35 -12.13 12.46
CA PHE B 164 -19.50 -11.21 12.35
C PHE B 164 -19.73 -10.50 13.69
N VAL B 165 -19.30 -11.09 14.81
CA VAL B 165 -19.61 -10.56 16.16
C VAL B 165 -18.29 -10.32 16.87
N LYS B 166 -18.12 -9.15 17.51
CA LYS B 166 -16.91 -8.83 18.30
C LYS B 166 -17.20 -9.09 19.78
N SER B 167 -16.18 -9.47 20.53
CA SER B 167 -16.21 -9.63 22.00
C SER B 167 -16.34 -8.26 22.66
N LEU B 168 -16.85 -8.21 23.90
CA LEU B 168 -17.04 -6.96 24.68
C LEU B 168 -15.71 -6.20 24.80
N LYS B 169 -14.58 -6.91 24.97
CA LYS B 169 -13.26 -6.26 25.17
C LYS B 169 -12.72 -5.73 23.86
N ASN B 170 -13.30 -6.10 22.72
CA ASN B 170 -12.84 -5.63 21.40
C ASN B 170 -13.45 -4.23 21.19
N LYS B 171 -12.61 -3.23 20.85
CA LYS B 171 -12.99 -1.80 20.69
C LYS B 171 -12.94 -1.38 19.21
N ASN B 172 -12.59 -2.29 18.30
CA ASN B 172 -12.65 -2.06 16.83
C ASN B 172 -13.07 -3.37 16.13
N LEU B 173 -13.16 -3.36 14.81
CA LEU B 173 -13.82 -4.44 14.03
C LEU B 173 -12.79 -5.49 13.60
N GLY B 174 -11.54 -5.36 14.02
CA GLY B 174 -10.42 -6.13 13.43
C GLY B 174 -10.38 -5.92 11.92
N TYR B 175 -9.97 -6.94 11.17
CA TYR B 175 -9.70 -6.83 9.71
C TYR B 175 -11.00 -6.46 8.97
N THR B 176 -11.01 -5.34 8.24
CA THR B 176 -12.22 -4.79 7.54
C THR B 176 -12.00 -4.70 6.01
N GLY B 177 -10.92 -5.25 5.48
CA GLY B 177 -10.62 -5.25 4.04
C GLY B 177 -11.70 -5.93 3.20
N ASP B 178 -12.41 -6.91 3.79
CA ASP B 178 -13.50 -7.68 3.12
C ASP B 178 -14.85 -7.32 3.72
N ALA B 179 -14.89 -6.34 4.62
CA ALA B 179 -16.12 -5.93 5.35
C ALA B 179 -16.97 -4.93 4.55
N ASN B 180 -18.26 -4.96 4.84
CA ASN B 180 -19.24 -3.91 4.47
C ASN B 180 -19.69 -3.24 5.77
N ILE B 181 -18.90 -2.26 6.24
CA ILE B 181 -19.15 -1.49 7.49
C ILE B 181 -20.54 -0.86 7.39
N SER B 182 -20.92 -0.41 6.20
CA SER B 182 -22.21 0.27 5.90
C SER B 182 -23.39 -0.63 6.25
N GLU B 183 -23.37 -1.90 5.82
CA GLU B 183 -24.51 -2.83 6.01
C GLU B 183 -24.40 -3.52 7.38
N TRP B 184 -23.21 -3.64 7.95
CA TRP B 184 -22.96 -4.48 9.14
C TRP B 184 -23.99 -4.16 10.23
N PRO B 185 -24.25 -2.86 10.53
CA PRO B 185 -25.24 -2.51 11.54
C PRO B 185 -26.63 -3.12 11.32
N ASN B 186 -27.12 -3.15 10.07
CA ASN B 186 -28.50 -3.62 9.78
C ASN B 186 -28.53 -5.15 9.74
N SER B 187 -27.45 -5.77 9.27
CA SER B 187 -27.26 -7.25 9.31
C SER B 187 -27.39 -7.70 10.78
N MET B 188 -26.68 -7.04 11.69
CA MET B 188 -26.73 -7.31 13.15
C MET B 188 -28.14 -7.16 13.70
N GLN B 189 -28.92 -6.17 13.23
CA GLN B 189 -30.30 -5.94 13.71
C GLN B 189 -31.17 -7.16 13.38
N LYS B 190 -30.97 -7.75 12.21
CA LYS B 190 -31.70 -8.99 11.80
C LYS B 190 -31.43 -10.10 12.82
N VAL B 191 -30.18 -10.21 13.25
CA VAL B 191 -29.70 -11.30 14.16
C VAL B 191 -30.28 -10.99 15.55
N ILE B 192 -30.17 -9.73 16.00
CA ILE B 192 -30.77 -9.27 17.28
C ILE B 192 -32.27 -9.58 17.25
N ASN B 193 -32.99 -9.23 16.18
CA ASN B 193 -34.46 -9.39 16.11
C ASN B 193 -34.83 -10.87 16.08
N ARG B 194 -34.00 -11.67 15.42
CA ARG B 194 -34.30 -13.10 15.18
C ARG B 194 -34.10 -13.93 16.45
N TYR B 195 -33.10 -13.60 17.27
CA TYR B 195 -32.67 -14.45 18.41
C TYR B 195 -32.69 -13.65 19.70
N PRO B 196 -33.87 -13.19 20.19
CA PRO B 196 -33.97 -12.48 21.46
C PRO B 196 -33.75 -13.38 22.68
N ASP B 197 -33.94 -14.70 22.54
CA ASP B 197 -33.79 -15.74 23.60
C ASP B 197 -32.36 -16.31 23.67
N ALA B 198 -31.39 -15.73 22.96
CA ALA B 198 -29.98 -16.18 22.98
C ALA B 198 -29.38 -15.95 24.36
N LYS B 199 -28.88 -17.01 25.02
CA LYS B 199 -28.21 -16.88 26.35
C LYS B 199 -26.71 -16.69 26.15
N LEU B 200 -26.13 -17.29 25.10
CA LEU B 200 -24.67 -17.27 24.88
C LEU B 200 -24.42 -16.89 23.42
N VAL B 201 -23.56 -15.89 23.21
CA VAL B 201 -23.07 -15.48 21.88
C VAL B 201 -21.58 -15.79 21.87
N VAL B 202 -21.15 -16.54 20.85
CA VAL B 202 -19.72 -16.94 20.67
C VAL B 202 -19.15 -16.12 19.54
N PRO B 203 -18.21 -15.18 19.81
CA PRO B 203 -17.58 -14.41 18.76
C PRO B 203 -16.45 -15.21 18.11
N GLY B 204 -15.95 -14.70 16.98
CA GLY B 204 -14.92 -15.35 16.16
C GLY B 204 -13.61 -15.43 16.92
N HIS B 205 -13.39 -14.45 17.80
CA HIS B 205 -12.20 -14.31 18.68
C HIS B 205 -12.67 -13.67 19.97
N GLY B 206 -12.03 -13.98 21.09
CA GLY B 206 -12.31 -13.32 22.36
C GLY B 206 -13.35 -14.06 23.16
N GLU B 207 -13.75 -13.46 24.29
CA GLU B 207 -14.54 -14.13 25.34
C GLU B 207 -15.97 -14.29 24.84
N VAL B 208 -16.60 -15.42 25.13
CA VAL B 208 -18.05 -15.62 24.90
C VAL B 208 -18.77 -14.66 25.85
N GLY B 209 -19.96 -14.21 25.49
CA GLY B 209 -20.82 -13.40 26.36
C GLY B 209 -22.27 -13.68 26.08
N ASP B 210 -23.12 -12.71 26.38
CA ASP B 210 -24.59 -12.84 26.17
C ASP B 210 -24.96 -12.00 24.94
N VAL B 211 -26.25 -11.79 24.74
CA VAL B 211 -26.84 -11.04 23.59
C VAL B 211 -26.26 -9.63 23.49
N SER B 212 -25.71 -9.07 24.58
CA SER B 212 -24.99 -7.77 24.59
C SER B 212 -23.94 -7.70 23.48
N LEU B 213 -23.30 -8.83 23.13
CA LEU B 213 -22.22 -8.84 22.10
C LEU B 213 -22.75 -8.32 20.76
N LEU B 214 -24.03 -8.58 20.48
CA LEU B 214 -24.67 -8.21 19.19
C LEU B 214 -24.79 -6.67 19.15
N LYS B 215 -25.39 -6.08 20.19
CA LYS B 215 -25.64 -4.61 20.30
C LYS B 215 -24.28 -3.90 20.27
N HIS B 216 -23.28 -4.44 20.97
CA HIS B 216 -21.88 -3.94 20.98
C HIS B 216 -21.26 -3.93 19.56
N THR B 217 -21.45 -4.97 18.75
CA THR B 217 -20.80 -5.05 17.43
C THR B 217 -21.41 -3.95 16.55
N GLN B 218 -22.72 -3.79 16.67
CA GLN B 218 -23.51 -2.74 15.96
C GLN B 218 -22.87 -1.38 16.28
N ALA B 219 -22.62 -1.11 17.57
CA ALA B 219 -22.00 0.12 18.08
C ALA B 219 -20.68 0.36 17.36
N LEU B 220 -19.76 -0.63 17.40
CA LEU B 220 -18.42 -0.51 16.79
C LEU B 220 -18.58 -0.20 15.30
N ALA B 221 -19.62 -0.78 14.67
CA ALA B 221 -19.90 -0.67 13.22
C ALA B 221 -20.34 0.76 12.88
N LEU B 222 -21.43 1.22 13.52
CA LEU B 222 -22.01 2.59 13.39
C LEU B 222 -20.93 3.64 13.62
N SER B 223 -20.28 3.59 14.78
CA SER B 223 -19.12 4.45 15.13
C SER B 223 -18.08 4.43 13.99
N ALA B 224 -17.81 3.26 13.40
CA ALA B 224 -16.83 3.10 12.29
C ALA B 224 -17.35 3.85 11.05
N ALA B 225 -18.66 3.79 10.80
CA ALA B 225 -19.32 4.43 9.64
C ALA B 225 -19.26 5.96 9.80
N ALA B 226 -19.63 6.47 10.98
CA ALA B 226 -19.61 7.90 11.36
C ALA B 226 -18.24 8.52 11.03
N GLY C 8 33.41 -25.55 -8.78
CA GLY C 8 33.66 -24.09 -9.10
C GLY C 8 34.89 -23.55 -8.38
N THR C 9 34.91 -22.26 -8.06
CA THR C 9 36.08 -21.60 -7.40
C THR C 9 35.63 -20.93 -6.10
N LYS C 10 36.58 -20.32 -5.37
CA LYS C 10 36.30 -19.46 -4.19
C LYS C 10 35.54 -18.21 -4.64
N GLU C 11 35.49 -17.94 -5.95
CA GLU C 11 34.85 -16.73 -6.54
C GLU C 11 33.46 -17.03 -7.14
N LEU C 12 33.23 -18.24 -7.65
CA LEU C 12 32.05 -18.53 -8.52
C LEU C 12 31.72 -20.02 -8.45
N LYS C 13 30.46 -20.33 -8.14
CA LYS C 13 29.88 -21.70 -8.21
C LYS C 13 28.66 -21.62 -9.16
N LEU C 14 28.47 -22.62 -10.03
CA LEU C 14 27.27 -22.72 -10.91
C LEU C 14 26.49 -23.99 -10.59
N LYS C 15 25.16 -23.89 -10.56
CA LYS C 15 24.19 -24.99 -10.27
C LYS C 15 23.07 -24.95 -11.32
N LYS C 16 22.76 -26.09 -11.92
CA LYS C 16 21.66 -26.24 -12.88
C LYS C 16 20.34 -26.32 -12.11
N LEU C 17 19.37 -25.47 -12.46
CA LEU C 17 17.96 -25.52 -11.97
C LEU C 17 17.09 -26.24 -13.00
N SER C 18 17.41 -26.11 -14.29
CA SER C 18 16.73 -26.80 -15.41
C SER C 18 17.63 -26.74 -16.64
N ASP C 19 17.25 -27.43 -17.72
CA ASP C 19 18.00 -27.41 -19.00
C ASP C 19 18.48 -25.98 -19.31
N ASN C 20 17.62 -24.95 -19.19
CA ASN C 20 17.91 -23.59 -19.74
C ASN C 20 18.32 -22.59 -18.66
N VAL C 21 18.38 -22.99 -17.39
CA VAL C 21 18.60 -22.04 -16.27
C VAL C 21 19.62 -22.58 -15.28
N TYR C 22 20.67 -21.81 -15.10
CA TYR C 22 21.75 -22.05 -14.11
C TYR C 22 21.68 -20.92 -13.09
N GLN C 23 21.86 -21.28 -11.82
CA GLN C 23 22.12 -20.33 -10.73
C GLN C 23 23.62 -20.08 -10.70
N HIS C 24 24.03 -18.81 -10.72
CA HIS C 24 25.44 -18.40 -10.44
C HIS C 24 25.53 -17.94 -8.99
N ILE C 25 26.52 -18.45 -8.24
CA ILE C 25 26.78 -18.04 -6.85
C ILE C 25 28.21 -17.50 -6.78
N SER C 26 28.33 -16.21 -6.49
CA SER C 26 29.60 -15.45 -6.40
C SER C 26 29.80 -15.04 -4.95
N TYR C 27 31.05 -14.86 -4.56
CA TYR C 27 31.43 -14.72 -3.14
C TYR C 27 32.24 -13.45 -3.01
N LYS C 28 31.93 -12.66 -1.99
CA LYS C 28 32.70 -11.44 -1.68
C LYS C 28 32.85 -11.37 -0.17
N ARG C 29 34.07 -11.00 0.28
CA ARG C 29 34.40 -10.58 1.67
C ARG C 29 33.66 -9.27 1.96
N VAL C 30 32.59 -9.32 2.76
CA VAL C 30 31.87 -8.11 3.26
C VAL C 30 31.79 -8.18 4.78
N GLU C 31 32.19 -7.08 5.43
CA GLU C 31 32.13 -6.84 6.90
C GLU C 31 30.70 -6.58 7.32
N PRO C 32 30.22 -7.18 8.43
CA PRO C 32 31.05 -8.04 9.29
C PRO C 32 30.90 -9.55 9.02
N TRP C 33 30.25 -9.90 7.90
CA TRP C 33 29.77 -11.27 7.59
C TRP C 33 30.94 -12.18 7.24
N GLY C 34 32.01 -11.64 6.64
CA GLY C 34 33.09 -12.40 5.98
C GLY C 34 32.75 -12.75 4.54
N LEU C 35 33.47 -13.71 3.94
CA LEU C 35 33.19 -14.21 2.57
C LEU C 35 31.79 -14.84 2.51
N ILE C 36 30.87 -14.17 1.81
CA ILE C 36 29.42 -14.54 1.72
C ILE C 36 28.99 -14.54 0.24
N GLY C 37 27.90 -15.25 -0.03
CA GLY C 37 27.43 -15.64 -1.37
C GLY C 37 26.27 -14.77 -1.83
N ALA C 38 26.24 -14.44 -3.12
CA ALA C 38 25.12 -13.77 -3.79
C ALA C 38 24.74 -14.61 -5.02
N SER C 39 23.45 -14.75 -5.27
CA SER C 39 22.86 -15.60 -6.33
C SER C 39 22.35 -14.73 -7.49
N GLY C 40 22.71 -15.13 -8.70
CA GLY C 40 22.07 -14.68 -9.95
C GLY C 40 21.72 -15.88 -10.78
N LEU C 41 21.25 -15.62 -12.00
CA LEU C 41 20.88 -16.68 -12.95
C LEU C 41 21.58 -16.43 -14.27
N VAL C 42 21.79 -17.51 -14.97
CA VAL C 42 22.12 -17.51 -16.42
C VAL C 42 20.95 -18.19 -17.10
N VAL C 43 20.38 -17.54 -18.10
CA VAL C 43 19.27 -18.09 -18.91
C VAL C 43 19.80 -18.34 -20.31
N ILE C 44 19.63 -19.57 -20.77
CA ILE C 44 20.08 -20.05 -22.10
C ILE C 44 18.85 -20.04 -23.01
N ASN C 45 18.97 -19.42 -24.18
CA ASN C 45 17.93 -19.44 -25.23
C ASN C 45 18.63 -19.78 -26.53
N GLY C 46 18.57 -21.03 -26.96
CA GLY C 46 19.31 -21.51 -28.16
C GLY C 46 20.80 -21.42 -27.88
N THR C 47 21.55 -20.64 -28.66
CA THR C 47 23.01 -20.47 -28.48
C THR C 47 23.29 -19.13 -27.81
N GLU C 48 22.26 -18.47 -27.29
CA GLU C 48 22.39 -17.16 -26.59
C GLU C 48 22.27 -17.39 -25.08
N ALA C 49 23.13 -16.74 -24.30
CA ALA C 49 23.05 -16.76 -22.81
C ALA C 49 22.75 -15.33 -22.34
N HIS C 50 21.98 -15.23 -21.26
CA HIS C 50 21.57 -13.94 -20.67
C HIS C 50 21.82 -14.05 -19.17
N MET C 51 22.32 -12.98 -18.57
CA MET C 51 22.65 -12.96 -17.13
C MET C 51 21.52 -12.22 -16.41
N ILE C 52 21.00 -12.79 -15.33
CA ILE C 52 20.15 -12.02 -14.39
C ILE C 52 21.01 -11.74 -13.15
N ASP C 53 21.46 -10.49 -13.05
CA ASP C 53 22.45 -9.94 -12.07
C ASP C 53 23.87 -10.35 -12.49
N THR C 54 24.85 -9.49 -12.26
CA THR C 54 26.28 -9.84 -12.42
C THR C 54 26.75 -10.47 -11.11
N PRO C 55 27.73 -11.39 -11.16
CA PRO C 55 28.47 -11.80 -9.96
C PRO C 55 29.01 -10.61 -9.16
N TRP C 56 29.23 -10.85 -7.88
CA TRP C 56 29.51 -9.81 -6.85
C TRP C 56 30.92 -9.21 -7.03
N THR C 57 31.81 -9.90 -7.74
CA THR C 57 33.19 -9.38 -8.01
C THR C 57 33.51 -9.53 -9.49
N THR C 58 34.39 -8.67 -9.99
CA THR C 58 34.92 -8.67 -11.37
C THR C 58 35.52 -10.04 -11.71
N GLN C 59 36.26 -10.66 -10.79
CA GLN C 59 36.89 -11.98 -11.08
C GLN C 59 35.75 -13.01 -11.24
N GLY C 60 34.74 -12.92 -10.40
CA GLY C 60 33.51 -13.72 -10.54
C GLY C 60 32.85 -13.50 -11.90
N THR C 61 32.68 -12.24 -12.33
CA THR C 61 32.01 -11.96 -13.65
C THR C 61 32.88 -12.53 -14.77
N LYS C 62 34.19 -12.29 -14.71
CA LYS C 62 35.12 -12.76 -15.77
C LYS C 62 35.06 -14.29 -15.78
N GLN C 63 35.07 -14.95 -14.62
CA GLN C 63 34.89 -16.43 -14.57
C GLN C 63 33.52 -16.81 -15.13
N LEU C 64 32.44 -16.04 -14.87
CA LEU C 64 31.10 -16.46 -15.38
C LEU C 64 31.11 -16.41 -16.92
N ILE C 65 31.64 -15.34 -17.51
CA ILE C 65 31.70 -15.20 -18.99
C ILE C 65 32.54 -16.35 -19.56
N GLU C 66 33.60 -16.79 -18.88
CA GLU C 66 34.48 -17.89 -19.38
C GLU C 66 33.64 -19.17 -19.37
N TRP C 67 32.87 -19.39 -18.31
CA TRP C 67 32.00 -20.59 -18.19
C TRP C 67 30.95 -20.57 -19.32
N ILE C 68 30.31 -19.43 -19.58
CA ILE C 68 29.28 -19.34 -20.65
C ILE C 68 29.93 -19.66 -22.02
N GLU C 69 31.03 -19.01 -22.36
CA GLU C 69 31.66 -19.12 -23.72
C GLU C 69 32.25 -20.52 -23.94
N ALA C 70 32.81 -21.15 -22.90
CA ALA C 70 33.34 -22.54 -22.96
C ALA C 70 32.18 -23.51 -23.21
N LYS C 71 30.93 -23.07 -23.02
CA LYS C 71 29.73 -23.91 -23.31
C LYS C 71 29.32 -23.74 -24.77
N GLY C 72 29.95 -22.80 -25.48
CA GLY C 72 29.69 -22.51 -26.91
C GLY C 72 28.53 -21.54 -27.05
N LEU C 73 28.21 -20.82 -25.97
CA LEU C 73 27.11 -19.83 -25.90
C LEU C 73 27.68 -18.44 -26.16
N THR C 74 26.87 -17.56 -26.73
CA THR C 74 27.17 -16.11 -26.81
C THR C 74 26.44 -15.43 -25.66
N ILE C 75 27.08 -14.45 -25.04
CA ILE C 75 26.44 -13.68 -23.94
C ILE C 75 25.86 -12.42 -24.59
N LYS C 76 24.54 -12.41 -24.76
CA LYS C 76 23.80 -11.36 -25.49
C LYS C 76 23.48 -10.17 -24.58
N SER C 77 23.01 -10.41 -23.35
CA SER C 77 22.43 -9.33 -22.53
C SER C 77 22.44 -9.73 -21.05
N ALA C 78 22.43 -8.72 -20.19
CA ALA C 78 22.30 -8.81 -18.72
C ALA C 78 21.21 -7.84 -18.27
N VAL C 79 20.48 -8.22 -17.26
CA VAL C 79 19.55 -7.30 -16.56
C VAL C 79 20.04 -7.30 -15.12
N VAL C 80 20.06 -6.12 -14.52
CA VAL C 80 20.39 -5.93 -13.09
C VAL C 80 19.11 -5.66 -12.29
N THR C 81 18.98 -6.28 -11.12
CA THR C 81 17.71 -6.31 -10.38
C THR C 81 17.65 -5.15 -9.37
N HIS C 82 18.76 -4.48 -9.08
CA HIS C 82 18.82 -3.23 -8.27
C HIS C 82 20.23 -2.65 -8.26
N PHE C 83 20.40 -1.48 -7.68
CA PHE C 83 21.57 -0.59 -7.91
C PHE C 83 22.74 -1.08 -7.05
N HIS C 84 22.52 -1.98 -6.10
CA HIS C 84 23.58 -2.53 -5.21
C HIS C 84 24.56 -3.36 -6.03
N GLU C 85 25.75 -3.55 -5.47
CA GLU C 85 26.92 -4.20 -6.13
C GLU C 85 26.66 -5.69 -6.36
N ASP C 86 25.90 -6.40 -5.49
CA ASP C 86 25.61 -7.86 -5.63
C ASP C 86 24.71 -8.09 -6.85
N ALA C 87 24.20 -7.03 -7.48
CA ALA C 87 23.26 -7.10 -8.64
C ALA C 87 23.86 -6.44 -9.89
N SER C 88 24.45 -5.25 -9.74
CA SER C 88 24.80 -4.33 -10.85
C SER C 88 26.34 -4.12 -10.93
N GLY C 89 27.11 -4.81 -10.09
CA GLY C 89 28.52 -4.49 -9.82
C GLY C 89 29.37 -4.48 -11.09
N ASP C 90 29.10 -5.37 -12.07
CA ASP C 90 29.96 -5.46 -13.28
C ASP C 90 29.26 -4.88 -14.51
N ILE C 91 28.46 -3.82 -14.33
CA ILE C 91 27.96 -3.02 -15.49
C ILE C 91 29.16 -2.51 -16.31
N PRO C 92 30.23 -1.92 -15.71
CA PRO C 92 31.33 -1.40 -16.52
C PRO C 92 31.99 -2.44 -17.43
N LEU C 93 32.25 -3.65 -16.91
CA LEU C 93 32.88 -4.76 -17.68
C LEU C 93 31.96 -5.18 -18.82
N LEU C 94 30.65 -5.32 -18.57
CA LEU C 94 29.72 -5.79 -19.63
C LEU C 94 29.61 -4.69 -20.70
N ASN C 95 29.52 -3.44 -20.27
CA ASN C 95 29.47 -2.25 -21.18
C ASN C 95 30.75 -2.25 -22.05
N ASP C 96 31.93 -2.48 -21.47
CA ASP C 96 33.22 -2.59 -22.20
C ASP C 96 33.21 -3.76 -23.19
N LEU C 97 32.63 -4.92 -22.85
CA LEU C 97 32.56 -6.09 -23.75
C LEU C 97 31.38 -5.97 -24.73
N LYS C 98 30.70 -4.81 -24.77
CA LYS C 98 29.54 -4.55 -25.66
C LYS C 98 28.45 -5.59 -25.44
N ILE C 99 28.32 -6.12 -24.23
CA ILE C 99 27.15 -6.93 -23.77
C ILE C 99 26.10 -5.94 -23.25
N LYS C 100 24.92 -5.94 -23.86
CA LYS C 100 23.84 -4.99 -23.53
C LYS C 100 23.45 -5.23 -22.07
N THR C 101 23.38 -4.16 -21.29
CA THR C 101 22.94 -4.22 -19.88
C THR C 101 21.64 -3.44 -19.78
N TYR C 102 20.67 -4.01 -19.11
CA TYR C 102 19.31 -3.44 -18.92
C TYR C 102 19.09 -3.10 -17.46
N ALA C 103 18.72 -1.87 -17.16
CA ALA C 103 18.29 -1.46 -15.82
C ALA C 103 17.09 -0.53 -15.99
N THR C 104 16.27 -0.45 -14.95
CA THR C 104 15.15 0.51 -14.89
C THR C 104 15.72 1.93 -14.86
N SER C 105 14.91 2.89 -15.28
CA SER C 105 15.17 4.34 -15.15
C SER C 105 15.57 4.68 -13.70
N LEU C 106 14.86 4.13 -12.71
CA LEU C 106 15.15 4.44 -11.29
C LEU C 106 16.48 3.81 -10.89
N THR C 107 16.75 2.59 -11.30
CA THR C 107 18.05 1.93 -10.99
C THR C 107 19.19 2.80 -11.54
N ASN C 108 19.05 3.32 -12.75
CA ASN C 108 20.11 4.15 -13.39
C ASN C 108 20.25 5.49 -12.66
N LYS C 109 19.16 6.06 -12.14
CA LYS C 109 19.24 7.31 -11.33
C LYS C 109 20.05 7.04 -10.05
N LEU C 110 19.85 5.89 -9.43
CA LEU C 110 20.54 5.48 -8.19
C LEU C 110 22.03 5.16 -8.45
N LEU C 111 22.35 4.52 -9.59
CA LEU C 111 23.74 4.26 -10.05
C LEU C 111 24.44 5.62 -10.25
N LYS C 112 23.82 6.53 -10.98
CA LYS C 112 24.36 7.87 -11.28
C LYS C 112 24.58 8.64 -9.98
N LEU C 113 23.59 8.69 -9.09
CA LEU C 113 23.71 9.34 -7.75
C LEU C 113 24.95 8.76 -7.05
N ASN C 114 25.15 7.45 -7.15
CA ASN C 114 26.25 6.72 -6.46
C ASN C 114 27.52 6.74 -7.34
N GLN C 115 27.58 7.59 -8.36
CA GLN C 115 28.77 7.84 -9.20
C GLN C 115 29.22 6.52 -9.81
N LYS C 116 28.26 5.84 -10.42
CA LYS C 116 28.48 4.52 -11.06
C LYS C 116 27.96 4.66 -12.50
N GLU C 117 28.57 3.92 -13.42
CA GLU C 117 28.11 3.82 -14.83
C GLU C 117 26.68 3.23 -14.89
N VAL C 118 25.88 3.80 -15.76
CA VAL C 118 24.46 3.43 -16.00
C VAL C 118 24.44 2.26 -17.00
N SER C 119 23.34 1.54 -17.05
CA SER C 119 23.12 0.45 -18.03
C SER C 119 23.19 1.03 -19.45
N SER C 120 23.45 0.20 -20.45
CA SER C 120 23.47 0.60 -21.88
C SER C 120 22.04 0.88 -22.33
N ASP C 121 21.07 0.18 -21.73
CA ASP C 121 19.67 0.13 -22.20
C ASP C 121 18.76 0.26 -20.97
N GLU C 122 17.73 1.08 -21.10
CA GLU C 122 16.86 1.52 -19.98
C GLU C 122 15.50 0.84 -20.12
N ILE C 123 15.04 0.14 -19.08
CA ILE C 123 13.67 -0.45 -19.03
C ILE C 123 12.72 0.67 -18.62
N SER C 124 11.84 1.14 -19.49
CA SER C 124 10.98 2.32 -19.19
C SER C 124 9.58 1.89 -18.73
N SER C 125 9.20 0.60 -18.88
CA SER C 125 7.89 0.05 -18.44
C SER C 125 8.00 -0.81 -17.18
N ASN C 126 6.93 -0.84 -16.37
CA ASN C 126 6.86 -1.62 -15.11
C ASN C 126 7.01 -3.11 -15.40
N THR C 127 6.47 -3.60 -16.51
CA THR C 127 6.65 -5.00 -16.99
C THR C 127 7.42 -4.95 -18.31
N PHE C 128 8.39 -5.84 -18.49
CA PHE C 128 9.36 -5.76 -19.60
C PHE C 128 9.77 -7.17 -20.02
N GLU C 129 9.68 -7.45 -21.31
CA GLU C 129 10.05 -8.75 -21.90
C GLU C 129 11.57 -8.73 -22.09
N PHE C 130 12.33 -9.18 -21.10
CA PHE C 130 13.81 -9.22 -21.17
C PHE C 130 14.24 -10.19 -22.28
N ILE C 131 13.61 -11.36 -22.32
CA ILE C 131 13.84 -12.39 -23.36
C ILE C 131 12.48 -12.84 -23.86
N ASP C 132 12.16 -12.51 -25.11
CA ASP C 132 10.85 -12.87 -25.72
C ASP C 132 10.51 -14.34 -25.40
N GLY C 133 9.35 -14.56 -24.78
CA GLY C 133 8.80 -15.89 -24.46
C GLY C 133 9.57 -16.62 -23.37
N VAL C 134 10.50 -15.98 -22.68
CA VAL C 134 11.45 -16.70 -21.78
C VAL C 134 11.61 -15.97 -20.44
N ALA C 135 11.73 -14.64 -20.45
CA ALA C 135 12.06 -13.89 -19.21
C ALA C 135 11.32 -12.55 -19.24
N SER C 136 10.53 -12.34 -18.20
CA SER C 136 9.72 -11.12 -17.93
C SER C 136 10.26 -10.43 -16.68
N VAL C 137 10.54 -9.12 -16.79
CA VAL C 137 10.89 -8.22 -15.67
C VAL C 137 9.60 -7.57 -15.14
N PHE C 138 9.43 -7.55 -13.84
CA PHE C 138 8.28 -6.92 -13.16
C PHE C 138 8.81 -6.08 -12.02
N TYR C 139 8.44 -4.81 -11.99
CA TYR C 139 8.68 -3.91 -10.85
C TYR C 139 7.48 -3.99 -9.91
N PRO C 140 7.64 -4.59 -8.72
CA PRO C 140 6.53 -4.75 -7.77
C PRO C 140 6.30 -3.53 -6.86
N GLY C 141 7.19 -2.53 -6.93
CA GLY C 141 7.28 -1.45 -5.95
C GLY C 141 8.46 -1.68 -5.01
N ALA C 142 8.71 -0.73 -4.13
CA ALA C 142 9.88 -0.71 -3.24
C ALA C 142 9.81 -1.84 -2.22
N GLY C 143 10.98 -2.26 -1.77
CA GLY C 143 11.17 -3.19 -0.65
C GLY C 143 12.60 -3.15 -0.17
N HIS C 144 13.39 -4.13 -0.57
CA HIS C 144 14.83 -4.21 -0.25
C HIS C 144 15.49 -2.89 -0.61
N THR C 145 15.15 -2.35 -1.78
CA THR C 145 15.50 -0.99 -2.23
C THR C 145 14.29 -0.43 -2.97
N GLU C 146 14.35 0.85 -3.32
CA GLU C 146 13.25 1.55 -4.00
C GLU C 146 13.10 1.01 -5.41
N ASP C 147 14.19 0.54 -6.03
CA ASP C 147 14.23 0.20 -7.48
C ASP C 147 14.11 -1.30 -7.73
N ASN C 148 14.06 -2.17 -6.71
CA ASN C 148 14.24 -3.63 -6.93
C ASN C 148 13.22 -4.18 -7.92
N ILE C 149 13.63 -5.10 -8.80
CA ILE C 149 12.74 -5.81 -9.76
C ILE C 149 12.93 -7.30 -9.56
N VAL C 150 11.91 -8.06 -9.91
CA VAL C 150 11.93 -9.54 -9.97
C VAL C 150 11.92 -9.94 -11.44
N VAL C 151 12.39 -11.15 -11.69
CA VAL C 151 12.41 -11.73 -13.04
C VAL C 151 11.70 -13.08 -12.99
N TRP C 152 10.74 -13.25 -13.88
CA TRP C 152 9.90 -14.43 -14.04
C TRP C 152 10.34 -15.18 -15.29
N LEU C 153 10.58 -16.47 -15.12
CA LEU C 153 10.87 -17.44 -16.19
C LEU C 153 9.64 -18.33 -16.29
N PRO C 154 8.68 -17.96 -17.17
CA PRO C 154 7.43 -18.71 -17.28
C PRO C 154 7.58 -20.19 -17.71
N ASN C 155 8.62 -20.55 -18.46
CA ASN C 155 8.72 -21.93 -18.99
C ASN C 155 9.17 -22.90 -17.90
N GLU C 156 9.96 -22.43 -16.95
CA GLU C 156 10.45 -23.24 -15.80
C GLU C 156 9.59 -22.94 -14.56
N LYS C 157 8.77 -21.88 -14.62
CA LYS C 157 8.04 -21.32 -13.45
C LYS C 157 9.04 -21.01 -12.34
N ILE C 158 10.15 -20.36 -12.70
CA ILE C 158 11.17 -19.95 -11.72
C ILE C 158 11.05 -18.46 -11.52
N LEU C 159 10.97 -18.02 -10.26
CA LEU C 159 10.91 -16.60 -9.95
C LEU C 159 12.24 -16.22 -9.33
N PHE C 160 12.94 -15.26 -9.93
CA PHE C 160 14.15 -14.68 -9.33
C PHE C 160 13.70 -13.47 -8.50
N GLY C 161 13.78 -13.62 -7.17
CA GLY C 161 13.39 -12.58 -6.21
C GLY C 161 14.54 -11.61 -5.96
N GLY C 162 15.77 -12.09 -6.14
CA GLY C 162 16.96 -11.37 -5.66
C GLY C 162 16.79 -10.94 -4.22
N CYS C 163 17.30 -9.75 -3.86
CA CYS C 163 17.41 -9.33 -2.44
C CYS C 163 16.06 -8.81 -1.93
N PHE C 164 15.10 -8.63 -2.84
CA PHE C 164 13.66 -8.40 -2.54
C PHE C 164 13.07 -9.61 -1.79
N VAL C 165 13.61 -10.82 -2.02
CA VAL C 165 13.13 -12.05 -1.33
C VAL C 165 14.19 -12.58 -0.37
N LYS C 166 13.80 -12.80 0.88
CA LYS C 166 14.64 -13.49 1.92
C LYS C 166 14.46 -15.02 1.81
N SER C 167 15.52 -15.77 2.14
CA SER C 167 15.48 -17.24 2.23
C SER C 167 14.65 -17.62 3.45
N LEU C 168 14.26 -18.89 3.53
CA LEU C 168 13.33 -19.42 4.55
C LEU C 168 14.02 -19.36 5.92
N LYS C 169 15.32 -19.68 6.02
CA LYS C 169 16.08 -19.72 7.30
C LYS C 169 16.44 -18.29 7.75
N ASN C 170 16.29 -17.28 6.91
CA ASN C 170 16.61 -15.87 7.25
C ASN C 170 15.54 -15.35 8.21
N LYS C 171 15.96 -14.81 9.36
CA LYS C 171 15.03 -14.34 10.42
C LYS C 171 15.00 -12.80 10.45
N ASN C 172 15.73 -12.09 9.58
CA ASN C 172 15.55 -10.63 9.43
C ASN C 172 15.73 -10.26 7.95
N LEU C 173 15.58 -8.98 7.62
CA LEU C 173 15.48 -8.51 6.21
C LEU C 173 16.87 -8.26 5.63
N GLY C 174 17.95 -8.46 6.41
CA GLY C 174 19.34 -8.24 6.00
C GLY C 174 19.70 -6.77 6.03
N TYR C 175 20.45 -6.26 5.04
CA TYR C 175 20.78 -4.81 4.98
C TYR C 175 19.52 -4.03 4.58
N THR C 176 19.05 -3.12 5.44
CA THR C 176 17.78 -2.35 5.29
C THR C 176 18.08 -0.86 5.12
N GLY C 177 19.36 -0.47 4.97
CA GLY C 177 19.76 0.94 4.86
C GLY C 177 19.06 1.64 3.71
N ASP C 178 18.76 0.93 2.62
CA ASP C 178 18.16 1.52 1.39
C ASP C 178 16.72 1.02 1.22
N ALA C 179 16.20 0.33 2.24
CA ALA C 179 14.92 -0.42 2.20
C ALA C 179 13.75 0.52 2.46
N ASN C 180 12.62 0.20 1.86
CA ASN C 180 11.30 0.80 2.12
C ASN C 180 10.46 -0.26 2.84
N ILE C 181 10.64 -0.39 4.16
CA ILE C 181 9.99 -1.43 5.00
C ILE C 181 8.46 -1.26 4.92
N SER C 182 7.99 -0.01 4.89
CA SER C 182 6.56 0.38 4.77
C SER C 182 5.93 -0.26 3.52
N GLU C 183 6.63 -0.22 2.39
CA GLU C 183 6.08 -0.56 1.05
C GLU C 183 6.22 -2.07 0.83
N TRP C 184 7.19 -2.70 1.48
CA TRP C 184 7.64 -4.07 1.12
C TRP C 184 6.50 -5.09 1.20
N PRO C 185 5.63 -5.10 2.24
CA PRO C 185 4.58 -6.13 2.28
C PRO C 185 3.59 -6.05 1.11
N ASN C 186 3.20 -4.84 0.70
CA ASN C 186 2.28 -4.61 -0.46
C ASN C 186 3.01 -4.92 -1.77
N SER C 187 4.30 -4.62 -1.86
CA SER C 187 5.11 -4.97 -3.05
C SER C 187 5.16 -6.50 -3.14
N MET C 188 5.32 -7.19 -2.01
CA MET C 188 5.36 -8.67 -2.02
C MET C 188 3.98 -9.22 -2.40
N GLN C 189 2.90 -8.53 -1.99
CA GLN C 189 1.52 -9.01 -2.25
C GLN C 189 1.32 -9.05 -3.76
N LYS C 190 1.81 -8.02 -4.48
CA LYS C 190 1.70 -7.96 -5.97
C LYS C 190 2.44 -9.16 -6.55
N VAL C 191 3.61 -9.52 -6.02
CA VAL C 191 4.38 -10.68 -6.56
C VAL C 191 3.63 -11.98 -6.23
N ILE C 192 3.18 -12.16 -4.98
CA ILE C 192 2.35 -13.33 -4.59
C ILE C 192 1.17 -13.46 -5.57
N ASN C 193 0.50 -12.35 -5.84
CA ASN C 193 -0.77 -12.29 -6.64
C ASN C 193 -0.43 -12.63 -8.09
N ARG C 194 0.74 -12.21 -8.58
CA ARG C 194 1.09 -12.37 -10.02
C ARG C 194 1.61 -13.78 -10.34
N TYR C 195 2.40 -14.41 -9.47
CA TYR C 195 3.05 -15.73 -9.73
C TYR C 195 2.57 -16.79 -8.74
N PRO C 196 1.27 -17.15 -8.70
CA PRO C 196 0.80 -18.22 -7.79
C PRO C 196 1.36 -19.60 -8.19
N ASP C 197 1.78 -19.74 -9.44
CA ASP C 197 2.23 -21.02 -10.04
C ASP C 197 3.75 -21.16 -9.91
N ALA C 198 4.46 -20.24 -9.25
CA ALA C 198 5.94 -20.32 -9.14
C ALA C 198 6.26 -21.67 -8.50
N LYS C 199 7.12 -22.47 -9.14
CA LYS C 199 7.63 -23.77 -8.62
C LYS C 199 8.90 -23.51 -7.82
N LEU C 200 9.72 -22.54 -8.22
CA LEU C 200 10.98 -22.18 -7.53
C LEU C 200 11.09 -20.67 -7.40
N VAL C 201 11.48 -20.22 -6.21
CA VAL C 201 11.78 -18.81 -5.87
C VAL C 201 13.27 -18.76 -5.50
N VAL C 202 14.03 -17.90 -6.15
CA VAL C 202 15.49 -17.72 -5.94
C VAL C 202 15.69 -16.40 -5.23
N PRO C 203 16.09 -16.44 -3.93
CA PRO C 203 16.37 -15.23 -3.16
C PRO C 203 17.77 -14.73 -3.53
N GLY C 204 18.12 -13.51 -3.14
CA GLY C 204 19.40 -12.89 -3.49
C GLY C 204 20.57 -13.61 -2.82
N HIS C 205 20.29 -14.23 -1.67
CA HIS C 205 21.27 -14.99 -0.84
C HIS C 205 20.45 -16.01 -0.08
N GLY C 206 20.96 -17.22 -0.06
CA GLY C 206 20.35 -18.31 0.70
C GLY C 206 19.78 -19.36 -0.21
N GLU C 207 19.15 -20.34 0.42
CA GLU C 207 18.70 -21.56 -0.25
C GLU C 207 17.47 -21.19 -1.10
N VAL C 208 17.41 -21.71 -2.31
CA VAL C 208 16.19 -21.62 -3.17
C VAL C 208 15.10 -22.42 -2.46
N GLY C 209 13.84 -22.05 -2.65
CA GLY C 209 12.71 -22.83 -2.13
C GLY C 209 11.51 -22.66 -3.02
N ASP C 210 10.32 -22.87 -2.45
CA ASP C 210 9.04 -22.79 -3.20
C ASP C 210 8.45 -21.41 -2.93
N VAL C 211 7.18 -21.24 -3.27
CA VAL C 211 6.44 -19.95 -3.14
C VAL C 211 6.36 -19.50 -1.67
N SER C 212 6.60 -20.39 -0.69
CA SER C 212 6.57 -20.04 0.75
C SER C 212 7.60 -18.94 1.06
N LEU C 213 8.70 -18.81 0.31
CA LEU C 213 9.68 -17.72 0.55
C LEU C 213 8.99 -16.35 0.43
N LEU C 214 7.97 -16.21 -0.42
CA LEU C 214 7.32 -14.88 -0.63
C LEU C 214 6.53 -14.47 0.62
N LYS C 215 5.67 -15.34 1.13
CA LYS C 215 4.87 -15.08 2.37
C LYS C 215 5.82 -14.86 3.55
N HIS C 216 6.90 -15.64 3.65
CA HIS C 216 7.94 -15.52 4.72
C HIS C 216 8.49 -14.09 4.73
N THR C 217 8.86 -13.55 3.56
CA THR C 217 9.48 -12.23 3.44
C THR C 217 8.45 -11.14 3.79
N GLN C 218 7.22 -11.29 3.31
CA GLN C 218 6.12 -10.35 3.66
C GLN C 218 5.95 -10.29 5.20
N ALA C 219 5.94 -11.44 5.87
CA ALA C 219 5.82 -11.54 7.35
C ALA C 219 7.00 -10.84 8.03
N LEU C 220 8.24 -11.08 7.57
CA LEU C 220 9.44 -10.39 8.12
C LEU C 220 9.27 -8.88 7.97
N ALA C 221 8.76 -8.40 6.83
CA ALA C 221 8.56 -6.96 6.57
C ALA C 221 7.41 -6.44 7.44
N LEU C 222 6.37 -7.24 7.64
CA LEU C 222 5.25 -6.83 8.52
C LEU C 222 5.77 -6.68 9.96
N SER C 223 6.55 -7.63 10.48
CA SER C 223 7.14 -7.54 11.85
C SER C 223 8.02 -6.29 11.98
N ALA C 224 8.93 -6.05 11.01
CA ALA C 224 9.89 -4.92 11.03
C ALA C 224 9.17 -3.59 11.27
N ALA C 225 8.11 -3.32 10.50
CA ALA C 225 7.33 -2.05 10.57
C ALA C 225 6.70 -1.85 11.96
N ALA C 226 6.36 -2.94 12.66
CA ALA C 226 5.64 -2.91 13.97
C ALA C 226 6.52 -2.26 15.05
N GLY D 8 -0.87 16.73 25.36
CA GLY D 8 -0.67 18.16 25.74
C GLY D 8 -1.95 18.96 25.58
N THR D 9 -2.18 19.51 24.39
CA THR D 9 -3.46 20.19 24.00
C THR D 9 -3.76 19.88 22.53
N LYS D 10 -4.87 20.41 22.03
CA LYS D 10 -5.31 20.32 20.62
C LYS D 10 -4.32 21.05 19.70
N GLU D 11 -3.65 22.10 20.21
CA GLU D 11 -2.77 22.98 19.38
C GLU D 11 -1.30 22.57 19.50
N LEU D 12 -0.86 21.99 20.62
CA LEU D 12 0.58 21.70 20.89
C LEU D 12 0.75 20.47 21.80
N LYS D 13 1.69 19.60 21.44
CA LYS D 13 2.18 18.46 22.25
C LYS D 13 3.71 18.53 22.29
N LEU D 14 4.30 18.22 23.44
CA LEU D 14 5.77 18.08 23.61
C LEU D 14 6.12 16.62 23.93
N LYS D 15 7.16 16.10 23.28
CA LYS D 15 7.72 14.75 23.53
C LYS D 15 9.21 14.90 23.83
N LYS D 16 9.64 14.35 24.97
CA LYS D 16 11.05 14.33 25.41
C LYS D 16 11.82 13.39 24.47
N LEU D 17 12.80 13.92 23.74
CA LEU D 17 13.75 13.13 22.92
C LEU D 17 15.00 12.84 23.74
N SER D 18 15.48 13.80 24.53
CA SER D 18 16.63 13.62 25.45
C SER D 18 16.51 14.61 26.62
N ASP D 19 17.45 14.52 27.57
CA ASP D 19 17.58 15.42 28.76
C ASP D 19 17.31 16.87 28.35
N ASN D 20 18.00 17.36 27.32
CA ASN D 20 18.01 18.80 26.95
C ASN D 20 17.22 19.06 25.66
N VAL D 21 16.56 18.06 25.08
CA VAL D 21 15.91 18.17 23.73
C VAL D 21 14.48 17.64 23.77
N TYR D 22 13.56 18.50 23.37
CA TYR D 22 12.12 18.17 23.23
C TYR D 22 11.73 18.41 21.78
N GLN D 23 10.82 17.56 21.29
CA GLN D 23 10.07 17.77 20.03
C GLN D 23 8.80 18.53 20.40
N HIS D 24 8.50 19.60 19.67
CA HIS D 24 7.17 20.26 19.73
C HIS D 24 6.39 19.90 18.46
N ILE D 25 5.15 19.48 18.67
CA ILE D 25 4.22 19.10 17.58
C ILE D 25 3.04 20.04 17.68
N SER D 26 2.75 20.77 16.61
CA SER D 26 1.68 21.78 16.55
C SER D 26 0.81 21.43 15.35
N TYR D 27 -0.47 21.76 15.43
CA TYR D 27 -1.50 21.25 14.49
C TYR D 27 -2.17 22.45 13.84
N LYS D 28 -2.45 22.28 12.56
CA LYS D 28 -3.23 23.21 11.72
C LYS D 28 -4.14 22.38 10.80
N ARG D 29 -5.31 22.92 10.45
CA ARG D 29 -6.29 22.30 9.52
C ARG D 29 -5.88 22.68 8.10
N VAL D 30 -5.45 21.71 7.30
CA VAL D 30 -5.02 21.94 5.89
C VAL D 30 -5.83 21.00 5.00
N GLU D 31 -6.41 21.55 3.92
CA GLU D 31 -7.26 20.80 2.98
C GLU D 31 -6.33 20.00 2.06
N PRO D 32 -6.62 18.71 1.78
CA PRO D 32 -7.77 17.99 2.31
C PRO D 32 -7.49 16.94 3.40
N TRP D 33 -6.45 17.14 4.22
CA TRP D 33 -5.97 16.13 5.20
C TRP D 33 -6.56 16.39 6.58
N GLY D 34 -7.35 17.46 6.74
CA GLY D 34 -7.85 17.95 8.04
C GLY D 34 -6.74 18.44 8.95
N LEU D 35 -6.81 18.07 10.24
CA LEU D 35 -5.86 18.51 11.29
C LEU D 35 -4.59 17.68 11.13
N ILE D 36 -3.47 18.33 10.80
CA ILE D 36 -2.16 17.63 10.60
C ILE D 36 -1.09 18.34 11.43
N GLY D 37 -0.06 17.57 11.81
CA GLY D 37 1.01 17.96 12.74
C GLY D 37 2.23 18.50 12.01
N ALA D 38 2.95 19.44 12.62
CA ALA D 38 4.30 19.89 12.20
C ALA D 38 5.21 19.80 13.42
N SER D 39 6.45 19.42 13.20
CA SER D 39 7.46 19.15 14.25
C SER D 39 8.53 20.27 14.25
N GLY D 40 8.90 20.71 15.44
CA GLY D 40 10.09 21.53 15.73
C GLY D 40 10.75 20.92 16.95
N LEU D 41 11.84 21.52 17.42
CA LEU D 41 12.54 21.12 18.66
C LEU D 41 12.63 22.31 19.61
N VAL D 42 12.84 21.99 20.88
CA VAL D 42 13.27 22.92 21.96
C VAL D 42 14.56 22.36 22.49
N VAL D 43 15.66 23.12 22.40
CA VAL D 43 16.99 22.70 22.93
C VAL D 43 17.26 23.56 24.16
N ILE D 44 17.55 22.89 25.27
CA ILE D 44 17.74 23.50 26.63
C ILE D 44 19.23 23.48 26.93
N ASN D 45 19.76 24.68 27.21
CA ASN D 45 21.16 24.98 27.57
C ASN D 45 21.11 25.56 28.99
N GLY D 46 21.14 24.69 29.99
CA GLY D 46 21.05 25.11 31.40
C GLY D 46 19.76 25.84 31.69
N THR D 47 19.85 27.17 31.79
CA THR D 47 18.69 28.05 32.08
C THR D 47 17.95 28.37 30.77
N GLU D 48 18.68 28.40 29.65
CA GLU D 48 18.21 29.05 28.41
C GLU D 48 17.64 27.98 27.47
N ALA D 49 16.46 28.24 26.90
CA ALA D 49 15.76 27.40 25.90
C ALA D 49 15.91 28.05 24.51
N HIS D 50 16.02 27.22 23.48
CA HIS D 50 16.16 27.66 22.07
C HIS D 50 15.12 26.93 21.22
N MET D 51 14.39 27.65 20.37
CA MET D 51 13.39 27.05 19.46
C MET D 51 14.04 26.72 18.13
N ILE D 52 13.86 25.49 17.64
CA ILE D 52 14.13 25.15 16.21
C ILE D 52 12.79 25.00 15.50
N ASP D 53 12.47 25.96 14.62
CA ASP D 53 11.15 26.14 13.95
C ASP D 53 10.15 26.66 15.00
N THR D 54 9.25 27.56 14.59
CA THR D 54 8.11 28.06 15.39
C THR D 54 6.96 27.08 15.20
N PRO D 55 6.12 26.83 16.23
CA PRO D 55 4.86 26.13 15.98
C PRO D 55 4.11 26.78 14.82
N TRP D 56 3.21 25.99 14.23
CA TRP D 56 2.46 26.24 12.97
C TRP D 56 1.36 27.30 13.16
N THR D 57 0.86 27.49 14.37
CA THR D 57 -0.19 28.52 14.64
C THR D 57 0.31 29.40 15.78
N THR D 58 -0.22 30.62 15.91
CA THR D 58 0.19 31.53 17.01
C THR D 58 -0.25 30.95 18.36
N GLN D 59 -1.41 30.27 18.43
CA GLN D 59 -1.82 29.52 19.66
C GLN D 59 -0.71 28.54 20.02
N GLY D 60 -0.16 27.83 19.02
CA GLY D 60 0.93 26.85 19.22
C GLY D 60 2.14 27.50 19.85
N THR D 61 2.59 28.62 19.27
CA THR D 61 3.80 29.38 19.69
C THR D 61 3.61 29.90 21.11
N LYS D 62 2.40 30.40 21.41
CA LYS D 62 2.04 30.98 22.74
C LYS D 62 2.17 29.91 23.82
N GLN D 63 1.63 28.72 23.54
CA GLN D 63 1.65 27.55 24.45
C GLN D 63 3.10 27.06 24.62
N LEU D 64 3.91 27.05 23.55
CA LEU D 64 5.31 26.58 23.66
C LEU D 64 6.10 27.54 24.57
N ILE D 65 5.93 28.85 24.39
CA ILE D 65 6.59 29.88 25.25
C ILE D 65 6.16 29.60 26.69
N GLU D 66 4.87 29.42 26.94
CA GLU D 66 4.34 29.15 28.30
C GLU D 66 4.96 27.86 28.87
N TRP D 67 5.06 26.79 28.08
CA TRP D 67 5.63 25.50 28.55
C TRP D 67 7.12 25.70 28.89
N ILE D 68 7.85 26.47 28.07
CA ILE D 68 9.28 26.79 28.35
C ILE D 68 9.39 27.59 29.66
N GLU D 69 8.51 28.59 29.85
CA GLU D 69 8.59 29.53 31.03
C GLU D 69 8.13 28.80 32.32
N ALA D 70 7.21 27.83 32.23
CA ALA D 70 6.72 27.03 33.39
C ALA D 70 7.76 25.99 33.85
N LYS D 71 8.82 25.78 33.07
CA LYS D 71 10.00 24.94 33.45
C LYS D 71 11.14 25.82 34.00
N GLY D 72 10.85 27.09 34.29
CA GLY D 72 11.83 28.10 34.77
C GLY D 72 12.97 28.33 33.78
N LEU D 73 12.70 28.33 32.48
CA LEU D 73 13.73 28.55 31.42
C LEU D 73 13.45 29.88 30.73
N THR D 74 14.50 30.55 30.25
CA THR D 74 14.41 31.78 29.43
C THR D 74 14.61 31.39 27.97
N ILE D 75 13.58 31.51 27.14
CA ILE D 75 13.70 31.29 25.66
C ILE D 75 14.56 32.43 25.09
N LYS D 76 15.78 32.12 24.66
CA LYS D 76 16.81 33.11 24.27
C LYS D 76 16.71 33.41 22.78
N SER D 77 16.64 32.36 21.96
CA SER D 77 16.67 32.49 20.47
C SER D 77 15.78 31.41 19.84
N ALA D 78 15.43 31.65 18.58
CA ALA D 78 14.74 30.70 17.67
C ALA D 78 15.44 30.73 16.31
N VAL D 79 15.59 29.58 15.69
CA VAL D 79 16.06 29.47 14.28
C VAL D 79 14.91 28.87 13.46
N VAL D 80 14.65 29.49 12.31
CA VAL D 80 13.63 29.04 11.31
C VAL D 80 14.38 28.30 10.20
N THR D 81 13.89 27.13 9.80
CA THR D 81 14.61 26.26 8.84
C THR D 81 14.09 26.48 7.42
N HIS D 82 13.02 27.23 7.23
CA HIS D 82 12.60 27.68 5.88
C HIS D 82 11.44 28.66 5.99
N PHE D 83 11.10 29.31 4.88
CA PHE D 83 10.24 30.52 4.85
C PHE D 83 8.76 30.13 4.97
N HIS D 84 8.36 28.86 4.84
CA HIS D 84 6.93 28.45 4.98
C HIS D 84 6.44 28.68 6.41
N GLU D 85 5.15 28.98 6.57
CA GLU D 85 4.49 29.26 7.89
C GLU D 85 4.72 28.16 8.95
N ASP D 86 4.95 26.87 8.59
CA ASP D 86 5.12 25.77 9.60
C ASP D 86 6.55 25.76 10.15
N ALA D 87 7.40 26.70 9.73
CA ALA D 87 8.77 26.88 10.23
C ALA D 87 8.98 28.32 10.76
N SER D 88 8.41 29.31 10.09
CA SER D 88 8.72 30.75 10.31
C SER D 88 7.46 31.54 10.67
N GLY D 89 6.32 30.87 10.87
CA GLY D 89 5.00 31.51 11.02
C GLY D 89 5.00 32.61 12.07
N ASP D 90 5.71 32.43 13.19
CA ASP D 90 5.60 33.35 14.36
C ASP D 90 6.88 34.14 14.60
N ILE D 91 7.68 34.41 13.56
CA ILE D 91 8.78 35.44 13.60
C ILE D 91 8.22 36.75 14.17
N PRO D 92 7.05 37.27 13.73
CA PRO D 92 6.55 38.56 14.22
C PRO D 92 6.35 38.55 15.75
N LEU D 93 5.70 37.52 16.30
CA LEU D 93 5.43 37.47 17.76
C LEU D 93 6.77 37.43 18.49
N LEU D 94 7.72 36.65 17.98
CA LEU D 94 9.02 36.41 18.65
C LEU D 94 9.85 37.70 18.61
N ASN D 95 9.91 38.37 17.46
CA ASN D 95 10.55 39.70 17.31
C ASN D 95 9.87 40.70 18.26
N ASP D 96 8.54 40.68 18.38
CA ASP D 96 7.76 41.58 19.27
C ASP D 96 8.08 41.31 20.74
N LEU D 97 8.46 40.08 21.12
CA LEU D 97 8.81 39.68 22.51
C LEU D 97 10.32 39.81 22.71
N LYS D 98 11.03 40.31 21.70
CA LYS D 98 12.51 40.55 21.74
C LYS D 98 13.23 39.23 21.95
N ILE D 99 12.66 38.12 21.49
CA ILE D 99 13.38 36.82 21.36
C ILE D 99 14.11 36.90 20.01
N LYS D 100 15.41 36.67 20.00
CA LYS D 100 16.19 36.78 18.74
C LYS D 100 15.78 35.64 17.80
N THR D 101 15.55 35.98 16.53
CA THR D 101 15.21 35.01 15.46
C THR D 101 16.32 35.02 14.41
N TYR D 102 16.84 33.84 14.09
CA TYR D 102 17.86 33.60 13.05
C TYR D 102 17.18 32.96 11.84
N ALA D 103 17.42 33.54 10.67
CA ALA D 103 17.03 33.00 9.35
C ALA D 103 18.17 33.32 8.38
N THR D 104 18.44 32.44 7.43
CA THR D 104 19.48 32.64 6.38
C THR D 104 19.12 33.90 5.60
N SER D 105 20.10 34.52 4.93
CA SER D 105 19.84 35.63 3.98
C SER D 105 18.72 35.23 3.02
N LEU D 106 18.80 34.02 2.46
CA LEU D 106 17.85 33.54 1.43
C LEU D 106 16.44 33.41 2.02
N THR D 107 16.31 32.84 3.23
CA THR D 107 14.98 32.75 3.91
C THR D 107 14.39 34.15 4.04
N ASN D 108 15.22 35.12 4.48
CA ASN D 108 14.75 36.52 4.68
C ASN D 108 14.33 37.10 3.32
N LYS D 109 15.08 36.78 2.25
CA LYS D 109 14.71 37.21 0.86
C LYS D 109 13.28 36.74 0.58
N LEU D 110 13.06 35.43 0.71
CA LEU D 110 11.76 34.77 0.46
C LEU D 110 10.67 35.33 1.39
N LEU D 111 11.00 35.52 2.66
CA LEU D 111 10.05 36.16 3.60
C LEU D 111 9.67 37.54 3.04
N LYS D 112 10.66 38.36 2.65
CA LYS D 112 10.42 39.74 2.12
C LYS D 112 9.46 39.65 0.93
N LEU D 113 9.82 38.85 -0.08
CA LEU D 113 9.02 38.66 -1.33
C LEU D 113 7.54 38.45 -0.98
N ASN D 114 7.23 37.75 0.12
CA ASN D 114 5.87 37.29 0.47
C ASN D 114 5.20 38.21 1.50
N GLN D 115 5.56 39.49 1.55
CA GLN D 115 5.00 40.51 2.48
C GLN D 115 5.13 40.00 3.93
N LYS D 116 6.26 39.38 4.29
CA LYS D 116 6.49 38.77 5.63
C LYS D 116 7.69 39.44 6.32
N GLU D 117 7.54 39.72 7.62
CA GLU D 117 8.57 40.25 8.51
C GLU D 117 9.77 39.29 8.53
N VAL D 118 10.98 39.85 8.46
CA VAL D 118 12.25 39.08 8.40
C VAL D 118 12.72 38.81 9.82
N SER D 119 13.67 37.89 9.97
CA SER D 119 14.36 37.56 11.24
C SER D 119 15.08 38.80 11.76
N SER D 120 15.33 38.86 13.07
CA SER D 120 16.10 39.95 13.74
C SER D 120 17.58 39.74 13.42
N ASP D 121 17.98 38.48 13.27
CA ASP D 121 19.40 38.09 13.08
C ASP D 121 19.50 37.27 11.77
N GLU D 122 20.55 37.50 11.00
CA GLU D 122 20.75 36.88 9.66
C GLU D 122 21.92 35.90 9.74
N ILE D 123 21.76 34.74 9.11
CA ILE D 123 22.86 33.77 8.84
C ILE D 123 23.27 33.98 7.37
N SER D 124 24.55 34.30 7.12
CA SER D 124 25.12 34.66 5.79
C SER D 124 26.02 33.53 5.29
N SER D 125 26.30 32.55 6.16
CA SER D 125 27.15 31.36 5.88
C SER D 125 26.27 30.10 5.82
N ASN D 126 26.68 29.13 5.00
CA ASN D 126 25.97 27.83 4.83
C ASN D 126 26.28 26.93 6.04
N THR D 127 27.19 27.34 6.93
CA THR D 127 27.37 26.74 8.28
C THR D 127 27.17 27.83 9.32
N PHE D 128 26.84 27.46 10.56
CA PHE D 128 26.50 28.42 11.66
C PHE D 128 26.36 27.66 12.98
N GLU D 129 27.08 28.12 14.01
CA GLU D 129 26.88 27.66 15.40
C GLU D 129 25.68 28.42 15.97
N PHE D 130 24.49 27.79 15.98
CA PHE D 130 23.24 28.37 16.53
C PHE D 130 23.40 28.47 18.04
N ILE D 131 23.78 27.36 18.68
CA ILE D 131 24.13 27.25 20.12
C ILE D 131 25.55 26.68 20.19
N ASP D 132 26.48 27.37 20.86
CA ASP D 132 27.92 27.00 20.90
C ASP D 132 28.08 25.65 21.59
N GLY D 133 28.50 24.62 20.83
CA GLY D 133 28.78 23.26 21.34
C GLY D 133 27.56 22.34 21.25
N VAL D 134 26.40 22.87 20.89
CA VAL D 134 25.08 22.18 21.09
C VAL D 134 24.29 22.06 19.77
N ALA D 135 24.29 23.07 18.89
CA ALA D 135 23.44 23.09 17.66
C ALA D 135 24.18 23.77 16.50
N SER D 136 24.38 23.03 15.39
CA SER D 136 24.98 23.52 14.12
C SER D 136 23.91 23.53 13.03
N VAL D 137 23.73 24.69 12.36
CA VAL D 137 22.89 24.90 11.15
C VAL D 137 23.72 24.56 9.92
N PHE D 138 23.20 23.74 9.01
CA PHE D 138 23.83 23.40 7.71
C PHE D 138 22.81 23.64 6.60
N TYR D 139 23.21 24.39 5.55
CA TYR D 139 22.44 24.55 4.30
C TYR D 139 22.95 23.49 3.33
N PRO D 140 22.15 22.43 3.06
CA PRO D 140 22.57 21.36 2.13
C PRO D 140 22.47 21.68 0.63
N GLY D 141 21.76 22.74 0.25
CA GLY D 141 21.27 22.99 -1.11
C GLY D 141 19.74 22.89 -1.16
N ALA D 142 19.15 23.22 -2.30
CA ALA D 142 17.68 23.29 -2.47
C ALA D 142 17.07 21.88 -2.38
N GLY D 143 15.82 21.79 -1.93
CA GLY D 143 15.05 20.53 -1.96
C GLY D 143 13.59 20.85 -1.83
N HIS D 144 13.04 20.74 -0.62
CA HIS D 144 11.66 21.15 -0.32
C HIS D 144 11.44 22.62 -0.70
N THR D 145 12.43 23.47 -0.38
CA THR D 145 12.52 24.88 -0.85
C THR D 145 13.98 25.20 -1.18
N GLU D 146 14.22 26.41 -1.74
CA GLU D 146 15.59 26.88 -2.07
C GLU D 146 16.38 27.11 -0.77
N ASP D 147 15.70 27.52 0.30
CA ASP D 147 16.38 28.04 1.53
C ASP D 147 16.55 26.96 2.61
N ASN D 148 15.91 25.79 2.47
CA ASN D 148 15.80 24.85 3.60
C ASN D 148 17.20 24.60 4.18
N ILE D 149 17.29 24.61 5.51
CA ILE D 149 18.52 24.25 6.27
C ILE D 149 18.17 23.07 7.16
N VAL D 150 19.18 22.34 7.65
CA VAL D 150 18.98 21.31 8.69
C VAL D 150 19.73 21.78 9.94
N VAL D 151 19.48 21.15 11.07
CA VAL D 151 20.10 21.53 12.37
C VAL D 151 20.55 20.24 13.04
N TRP D 152 21.81 20.21 13.47
CA TRP D 152 22.51 19.03 14.01
C TRP D 152 22.80 19.30 15.50
N LEU D 153 22.48 18.33 16.36
CA LEU D 153 22.78 18.37 17.81
C LEU D 153 23.85 17.32 18.08
N PRO D 154 25.15 17.70 18.04
CA PRO D 154 26.25 16.75 18.25
C PRO D 154 26.14 15.85 19.48
N ASN D 155 25.77 16.41 20.64
CA ASN D 155 25.80 15.67 21.94
C ASN D 155 24.83 14.49 21.85
N GLU D 156 23.63 14.74 21.31
CA GLU D 156 22.52 13.77 21.24
C GLU D 156 22.63 12.99 19.93
N LYS D 157 23.31 13.56 18.92
CA LYS D 157 23.33 12.98 17.54
C LYS D 157 21.89 12.95 17.02
N ILE D 158 21.16 14.06 17.24
CA ILE D 158 19.81 14.29 16.67
C ILE D 158 19.97 15.24 15.48
N LEU D 159 19.53 14.80 14.30
CA LEU D 159 19.43 15.66 13.11
C LEU D 159 17.98 16.13 12.96
N PHE D 160 17.74 17.44 12.99
CA PHE D 160 16.41 18.00 12.64
C PHE D 160 16.42 18.34 11.14
N GLY D 161 15.75 17.50 10.35
CA GLY D 161 15.65 17.60 8.88
C GLY D 161 14.62 18.63 8.42
N GLY D 162 13.62 18.91 9.26
CA GLY D 162 12.51 19.79 8.88
C GLY D 162 11.84 19.26 7.64
N CYS D 163 11.25 20.12 6.82
CA CYS D 163 10.44 19.67 5.66
C CYS D 163 11.32 19.27 4.47
N PHE D 164 12.64 19.41 4.62
CA PHE D 164 13.64 18.85 3.70
C PHE D 164 13.63 17.32 3.78
N VAL D 165 13.17 16.73 4.88
CA VAL D 165 13.19 15.26 5.10
C VAL D 165 11.74 14.79 5.25
N LYS D 166 11.32 13.80 4.46
CA LYS D 166 9.98 13.18 4.53
C LYS D 166 10.03 12.05 5.57
N SER D 167 8.87 11.69 6.10
CA SER D 167 8.70 10.54 7.01
C SER D 167 8.73 9.28 6.15
N LEU D 168 8.97 8.11 6.75
CA LEU D 168 9.04 6.81 6.00
C LEU D 168 7.72 6.46 5.33
N LYS D 169 6.58 6.86 5.92
CA LYS D 169 5.23 6.47 5.45
C LYS D 169 4.82 7.34 4.27
N ASN D 170 5.49 8.48 4.05
CA ASN D 170 5.17 9.38 2.92
C ASN D 170 5.47 8.63 1.61
N LYS D 171 4.53 8.70 0.66
CA LYS D 171 4.55 7.98 -0.63
C LYS D 171 4.99 8.95 -1.72
N ASN D 172 5.15 10.21 -1.38
CA ASN D 172 5.50 11.27 -2.36
C ASN D 172 6.07 12.47 -1.59
N LEU D 173 6.45 13.53 -2.30
CA LEU D 173 7.23 14.65 -1.70
C LEU D 173 6.27 15.69 -1.11
N GLY D 174 4.97 15.52 -1.30
CA GLY D 174 3.96 16.45 -0.75
C GLY D 174 4.00 17.72 -1.56
N TYR D 175 3.94 18.89 -0.92
CA TYR D 175 3.85 20.18 -1.65
C TYR D 175 5.21 20.52 -2.27
N THR D 176 5.26 20.61 -3.61
CA THR D 176 6.51 20.80 -4.39
C THR D 176 6.45 22.14 -5.12
N GLY D 177 5.45 22.98 -4.85
CA GLY D 177 5.31 24.31 -5.49
C GLY D 177 6.53 25.19 -5.32
N ASP D 178 7.31 25.07 -4.23
CA ASP D 178 8.53 25.89 -3.99
C ASP D 178 9.79 25.01 -4.02
N ALA D 179 9.67 23.76 -4.49
CA ALA D 179 10.73 22.74 -4.39
C ALA D 179 11.63 22.74 -5.64
N ASN D 180 12.87 22.28 -5.46
CA ASN D 180 13.81 21.99 -6.57
C ASN D 180 14.01 20.48 -6.65
N ILE D 181 13.19 19.77 -7.42
CA ILE D 181 13.18 18.28 -7.48
C ILE D 181 14.59 17.76 -7.88
N SER D 182 15.23 18.40 -8.87
CA SER D 182 16.50 17.92 -9.45
C SER D 182 17.64 18.06 -8.42
N GLU D 183 17.66 19.12 -7.60
CA GLU D 183 18.75 19.35 -6.61
C GLU D 183 18.55 18.45 -5.39
N TRP D 184 17.30 18.13 -5.06
CA TRP D 184 16.94 17.56 -3.74
C TRP D 184 17.78 16.34 -3.41
N PRO D 185 17.92 15.32 -4.32
CA PRO D 185 18.74 14.15 -4.02
C PRO D 185 20.23 14.50 -3.77
N ASN D 186 20.79 15.46 -4.52
CA ASN D 186 22.21 15.90 -4.35
C ASN D 186 22.32 16.64 -3.01
N SER D 187 21.37 17.52 -2.69
CA SER D 187 21.30 18.19 -1.37
C SER D 187 21.20 17.15 -0.27
N MET D 188 20.38 16.11 -0.44
CA MET D 188 20.22 15.02 0.57
C MET D 188 21.53 14.22 0.68
N GLN D 189 22.25 14.00 -0.42
CA GLN D 189 23.51 13.20 -0.38
C GLN D 189 24.52 13.91 0.54
N LYS D 190 24.58 15.23 0.47
CA LYS D 190 25.44 16.08 1.37
C LYS D 190 25.09 15.83 2.84
N VAL D 191 23.79 15.73 3.19
CA VAL D 191 23.36 15.49 4.59
C VAL D 191 23.69 14.05 4.97
N ILE D 192 23.41 13.06 4.10
CA ILE D 192 23.76 11.62 4.35
C ILE D 192 25.28 11.49 4.63
N ASN D 193 26.11 12.17 3.85
CA ASN D 193 27.60 12.13 4.00
C ASN D 193 28.01 12.79 5.31
N ARG D 194 27.44 13.95 5.60
CA ARG D 194 27.83 14.82 6.73
C ARG D 194 27.41 14.24 8.08
N TYR D 195 26.34 13.41 8.15
CA TYR D 195 25.78 12.93 9.45
C TYR D 195 25.57 11.42 9.44
N PRO D 196 26.60 10.59 9.14
CA PRO D 196 26.44 9.13 9.12
C PRO D 196 26.10 8.57 10.52
N ASP D 197 26.52 9.29 11.57
CA ASP D 197 26.39 8.86 13.00
C ASP D 197 25.06 9.35 13.61
N ALA D 198 24.18 10.00 12.85
CA ALA D 198 22.85 10.43 13.35
C ALA D 198 22.15 9.21 13.93
N LYS D 199 21.75 9.29 15.20
CA LYS D 199 20.95 8.28 15.95
C LYS D 199 19.45 8.57 15.80
N LEU D 200 19.07 9.82 15.44
CA LEU D 200 17.65 10.25 15.30
C LEU D 200 17.53 11.34 14.24
N VAL D 201 16.61 11.13 13.30
CA VAL D 201 16.23 12.14 12.26
C VAL D 201 14.78 12.56 12.52
N VAL D 202 14.57 13.85 12.68
CA VAL D 202 13.22 14.47 12.88
C VAL D 202 12.79 15.15 11.58
N PRO D 203 11.77 14.62 10.88
CA PRO D 203 11.23 15.27 9.70
C PRO D 203 10.26 16.38 10.12
N GLY D 204 9.88 17.27 9.21
CA GLY D 204 8.98 18.41 9.50
C GLY D 204 7.59 17.94 9.87
N HIS D 205 7.19 16.76 9.38
CA HIS D 205 5.87 16.11 9.65
C HIS D 205 6.09 14.60 9.72
N GLY D 206 5.39 13.93 10.62
CA GLY D 206 5.37 12.45 10.70
C GLY D 206 6.35 11.93 11.73
N GLU D 207 6.54 10.62 11.72
CA GLU D 207 7.26 9.90 12.78
C GLU D 207 8.77 10.16 12.62
N VAL D 208 9.43 10.34 13.75
CA VAL D 208 10.92 10.38 13.83
C VAL D 208 11.43 8.98 13.46
N GLY D 209 12.72 8.85 13.14
CA GLY D 209 13.35 7.56 12.82
C GLY D 209 14.86 7.73 12.68
N ASP D 210 15.50 6.77 12.02
CA ASP D 210 16.97 6.73 11.84
C ASP D 210 17.33 7.42 10.52
N VAL D 211 18.57 7.18 10.01
CA VAL D 211 19.09 7.80 8.75
C VAL D 211 18.33 7.28 7.53
N SER D 212 17.58 6.18 7.62
CA SER D 212 16.77 5.64 6.49
C SER D 212 15.79 6.70 5.97
N LEU D 213 15.34 7.61 6.84
CA LEU D 213 14.49 8.74 6.43
C LEU D 213 15.22 9.55 5.35
N LEU D 214 16.52 9.77 5.49
CA LEU D 214 17.27 10.60 4.51
C LEU D 214 17.24 9.88 3.17
N LYS D 215 17.57 8.58 3.19
CA LYS D 215 17.57 7.65 2.02
C LYS D 215 16.16 7.64 1.41
N HIS D 216 15.12 7.57 2.23
CA HIS D 216 13.73 7.46 1.70
C HIS D 216 13.40 8.75 0.92
N THR D 217 13.75 9.91 1.49
CA THR D 217 13.48 11.21 0.83
C THR D 217 14.20 11.26 -0.51
N GLN D 218 15.48 10.88 -0.51
CA GLN D 218 16.31 10.81 -1.74
C GLN D 218 15.56 9.96 -2.78
N ALA D 219 15.10 8.77 -2.39
CA ALA D 219 14.37 7.81 -3.26
C ALA D 219 13.17 8.52 -3.90
N LEU D 220 12.33 9.14 -3.06
CA LEU D 220 11.13 9.89 -3.51
C LEU D 220 11.52 10.96 -4.52
N ALA D 221 12.59 11.74 -4.27
CA ALA D 221 12.99 12.87 -5.16
C ALA D 221 13.43 12.32 -6.53
N LEU D 222 14.23 11.24 -6.53
CA LEU D 222 14.69 10.59 -7.79
C LEU D 222 13.48 10.13 -8.61
N SER D 223 12.51 9.46 -7.98
CA SER D 223 11.27 8.99 -8.66
C SER D 223 10.50 10.19 -9.26
N ALA D 224 10.45 11.32 -8.56
CA ALA D 224 9.67 12.51 -8.98
C ALA D 224 10.35 13.25 -10.15
N ALA D 225 11.64 13.03 -10.45
CA ALA D 225 12.32 13.57 -11.64
C ALA D 225 11.84 12.84 -12.90
N ALA D 226 11.84 13.51 -14.05
CA ALA D 226 11.42 12.94 -15.36
C ALA D 226 11.82 13.89 -16.49
ZN ZN E . -21.59 3.82 -17.66
ZN ZN F . -21.76 6.08 -14.40
C1 LMP G . -26.49 6.02 -13.89
C2 LMP G . -26.13 4.87 -12.93
C3 LMP G . -24.65 4.65 -13.20
O7A LMP G . -27.29 5.30 -8.24
C6A LMP G . -27.22 6.45 -7.82
N7A LMP G . -27.68 6.80 -6.60
C9A LMP G . -28.14 5.81 -5.63
C8A LMP G . -27.77 8.20 -6.17
C5A LMP G . -26.60 7.57 -8.64
C2A LMP G . -27.28 7.69 -10.02
N3A LMP G . -25.19 7.31 -8.94
C4A LMP G . -24.93 7.49 -10.37
C1A LMP G . -26.26 7.12 -11.00
S21 LMP G . -26.42 5.32 -11.18
C31 LMP G . -24.00 3.55 -12.89
O31 LMP G . -24.58 2.48 -12.98
O32 LMP G . -22.84 3.65 -12.54
N4 LMP G . -24.10 5.66 -13.76
C11 LMP G . -27.59 5.69 -14.87
C5 LMP G . -25.14 6.40 -14.52
C6 LMP G . -25.04 6.05 -16.01
C61 LMP G . -24.87 7.29 -16.89
O62 LMP G . -26.03 8.10 -16.79
C62 LMP G . -24.62 6.96 -18.34
C7 LMP G . -23.99 4.99 -16.31
O71 LMP G . -24.39 3.83 -16.57
O72 LMP G . -22.79 5.35 -16.29
ZN ZN H . -12.78 -13.29 8.66
ZN ZN I . -11.72 -13.79 12.42
C1 LMP J . -7.76 -12.24 12.16
C2 LMP J . -8.71 -11.04 12.23
C3 LMP J . -10.05 -11.75 12.36
O7A LMP J . -12.92 -10.85 16.31
C6A LMP J . -12.07 -10.50 17.13
N7A LMP J . -12.31 -10.54 18.44
C9A LMP J . -11.26 -10.41 19.44
C8A LMP J . -13.66 -10.62 18.97
C5A LMP J . -10.79 -9.80 16.66
C2A LMP J . -10.45 -10.14 15.20
N3A LMP J . -9.50 -10.11 17.30
C4A LMP J . -8.39 -10.09 16.34
C1A LMP J . -9.04 -9.59 15.06
S21 LMP J . -8.14 -9.88 13.50
C31 LMP J . -11.21 -11.20 12.63
O31 LMP J . -12.17 -11.89 12.86
O32 LMP J . -11.28 -10.01 12.63
N4 LMP J . -9.92 -13.00 12.06
C11 LMP J . -6.40 -11.97 11.56
C5 LMP J . -8.65 -13.15 11.34
C6 LMP J . -8.73 -12.65 9.90
C61 LMP J . -8.06 -13.53 8.84
O62 LMP J . -8.36 -13.02 7.53
C62 LMP J . -8.47 -14.99 8.90
C7 LMP J . -10.20 -12.54 9.51
O71 LMP J . -10.58 -11.48 9.04
O72 LMP J . -10.88 -13.52 9.75
ZN ZN K . 20.80 -4.93 -2.21
ZN ZN L . 21.61 -8.83 -1.24
C1 LMP M . 24.51 -7.97 2.09
C2 LMP M . 23.15 -7.90 2.83
C3 LMP M . 22.15 -8.18 1.72
O7A LMP M . 24.21 -14.22 5.88
C6A LMP M . 23.14 -14.16 5.28
N7A LMP M . 22.15 -15.05 5.45
C9A LMP M . 21.64 -15.46 6.76
C8A LMP M . 21.53 -15.74 4.31
C5A LMP M . 22.92 -13.10 4.21
C2A LMP M . 23.63 -11.79 4.54
N3A LMP M . 21.54 -12.62 4.16
C4A LMP M . 21.54 -11.30 3.51
C1A LMP M . 22.97 -10.82 3.57
S21 LMP M . 23.08 -9.11 4.14
C31 LMP M . 20.83 -8.26 1.81
O31 LMP M . 20.32 -7.81 2.75
O32 LMP M . 20.20 -8.76 0.95
N4 LMP M . 22.77 -8.33 0.62
C11 LMP M . 25.50 -6.95 2.59
C5 LMP M . 24.08 -7.70 0.66
C6 LMP M . 23.97 -6.21 0.37
C61 LMP M . 25.31 -5.49 0.15
O62 LMP M . 25.13 -4.29 -0.56
C62 LMP M . 26.34 -6.30 -0.56
C7 LMP M . 22.68 -5.73 -0.32
O71 LMP M . 22.05 -4.84 0.22
O72 LMP M . 22.37 -6.30 -1.37
ZN ZN N . 7.50 23.89 3.70
ZN ZN O . 6.23 21.42 6.22
C1 LMP P . 1.78 20.69 3.93
C2 LMP P . 2.66 19.48 3.57
C3 LMP P . 4.06 20.01 3.76
O7A LMP P . 6.42 14.04 5.92
C6A LMP P . 6.38 15.04 5.19
N7A LMP P . 7.33 15.98 5.20
C9A LMP P . 8.21 16.19 6.35
C8A LMP P . 7.57 16.86 4.04
C5A LMP P . 5.21 15.27 4.24
C2A LMP P . 4.73 16.72 4.28
N3A LMP P . 4.03 14.48 4.62
C4A LMP P . 2.87 15.35 4.82
C1A LMP P . 3.23 16.61 4.06
S21 LMP P . 2.34 18.06 4.67
C31 LMP P . 5.14 19.48 3.25
O31 LMP P . 6.20 19.62 3.84
O32 LMP P . 5.05 18.86 2.20
N4 LMP P . 4.09 21.07 4.51
C11 LMP P . 0.89 21.15 2.78
C5 LMP P . 2.77 21.75 4.42
C6 LMP P . 2.88 22.98 3.50
C61 LMP P . 2.05 24.15 4.01
O62 LMP P . 1.87 25.08 2.95
C62 LMP P . 2.67 24.86 5.19
C7 LMP P . 4.34 23.39 3.24
O71 LMP P . 4.66 23.59 2.06
O72 LMP P . 5.09 23.50 4.23
#